data_5UL2
#
_entry.id   5UL2
#
_cell.length_a   94.392
_cell.length_b   106.917
_cell.length_c   117.494
_cell.angle_alpha   90.00
_cell.angle_beta   90.00
_cell.angle_gamma   90.00
#
_symmetry.space_group_name_H-M   'P 21 21 21'
#
loop_
_entity.id
_entity.type
_entity.pdbx_description
1 polymer 'OxsB protein'
2 non-polymer 1,2-ETHANEDIOL
3 water water
#
_entity_poly.entity_id   1
_entity_poly.type   'polypeptide(L)'
_entity_poly.pdbx_seq_one_letter_code
;(MSE)QTYLSTKSIEYYLKELKEIFSQIWLKPSEIEKRCEELFKRSKEFDYKRILVSGETDNTTLYVIEDSSKIHVFSPN
RDLRENPLL(MSE)RWHPSWYEIESKEIYYKCFLSCEELYEHLELPTVTLVNLCVIENFPIPRLNLSTGTLSSYLRKEQL
AKVELID(MSE)QVGTTINQIIKNLLDSQPDIIGLSVNFGQKKLAFEILDLIYSHIENGDLSSIITVGNVIPSFSPEQFF
ERYPSLLICDKEGEYTLRDLIK(MSE)LKKELKLDEVNGISYVDESGEVKHNVAETVNFKEEVPTPSLDILGEISKFRGA
LTLETSRGCDYSRCTFCPRDHKLRSWRPLSVEQTLKQLDDILRAGKHFNIKPHIY(MSE)ADEEFIGELPNGTEAQRIID
ICEGLLKREEKIKFDFAARADSVYEPKRTKEWNVERLK(MSE)WHYCALAGADRIFIGVESGSNQQLKRYGKGTTSEQNI
IALRLVSALGINLRIGFI(MSE)FDQL(MSE)KGLDNLKENLDFLERTDAL(MSE)KPIDIGD(MSE)TYEELYDKLLND
KEFIEKHKTGKPVYTIVSY(MSE)LAS(MSE)EIL(MSE)NTPYSR(MSE)VQLTERKEEVNLI(MSE)NDGKPD(MSE)
N(MSE)GRYATSFVDKTNGNLSEACQ(MSE)WIDSNFGV(MSE)YTIKSLHKVANPREKKKLYSY(MSE)ETHREISHFL
LKYLVYNLSPDKESQIILSDFLR(MSE)HS(MSE)EHILDNSKINVGDGSKENILNV(MSE)TNWQLI(MSE)EKLLRDV
EADLNKGIITDSEDHRLHNTLKRWFSD(MSE)GNWSLINAYELN
;
_entity_poly.pdbx_strand_id   A
#
# COMPACT_ATOMS: atom_id res chain seq x y z
N THR A 3 19.56 8.85 50.13
CA THR A 3 19.25 7.42 50.08
C THR A 3 19.21 6.92 48.64
N TYR A 4 20.17 6.07 48.28
CA TYR A 4 20.30 5.55 46.93
C TYR A 4 19.69 4.16 46.82
N LEU A 5 19.42 3.76 45.58
CA LEU A 5 19.00 2.40 45.30
C LEU A 5 20.21 1.47 45.27
N SER A 6 20.05 0.27 45.82
CA SER A 6 21.12 -0.71 45.77
C SER A 6 21.33 -1.18 44.34
N THR A 7 22.53 -1.72 44.08
CA THR A 7 22.83 -2.28 42.77
C THR A 7 21.90 -3.45 42.46
N LYS A 8 21.57 -4.25 43.48
CA LYS A 8 20.68 -5.38 43.28
C LYS A 8 19.27 -4.92 42.88
N SER A 9 18.79 -3.86 43.51
CA SER A 9 17.46 -3.34 43.16
C SER A 9 17.45 -2.73 41.77
N ILE A 10 18.54 -2.06 41.39
CA ILE A 10 18.63 -1.51 40.04
C ILE A 10 18.60 -2.63 39.00
N GLU A 11 19.46 -3.64 39.18
CA GLU A 11 19.53 -4.72 38.21
C GLU A 11 18.25 -5.56 38.20
N TYR A 12 17.58 -5.69 39.35
CA TYR A 12 16.29 -6.36 39.37
C TYR A 12 15.25 -5.56 38.57
N TYR A 13 15.20 -4.25 38.79
CA TYR A 13 14.27 -3.41 38.05
C TYR A 13 14.57 -3.44 36.55
N LEU A 14 15.85 -3.38 36.18
CA LEU A 14 16.21 -3.41 34.77
C LEU A 14 15.81 -4.72 34.10
N LYS A 15 15.95 -5.84 34.83
CA LYS A 15 15.60 -7.13 34.27
C LYS A 15 14.11 -7.26 34.06
N GLU A 16 13.31 -6.74 35.00
CA GLU A 16 11.86 -6.84 34.88
C GLU A 16 11.32 -5.90 33.82
N LEU A 17 11.87 -4.68 33.75
CA LEU A 17 11.44 -3.74 32.72
C LEU A 17 11.80 -4.24 31.33
N LYS A 18 12.96 -4.90 31.19
CA LYS A 18 13.31 -5.51 29.92
C LYS A 18 12.29 -6.57 29.52
N GLU A 19 11.71 -7.27 30.49
CA GLU A 19 10.67 -8.24 30.19
C GLU A 19 9.38 -7.55 29.79
N ILE A 20 8.99 -6.50 30.51
CA ILE A 20 7.78 -5.76 30.17
C ILE A 20 7.92 -5.09 28.80
N PHE A 21 9.07 -4.48 28.54
CA PHE A 21 9.26 -3.77 27.28
C PHE A 21 9.38 -4.71 26.09
N SER A 22 9.62 -6.01 26.32
CA SER A 22 9.72 -6.95 25.21
C SER A 22 8.38 -7.19 24.53
N GLN A 23 7.27 -6.87 25.20
CA GLN A 23 5.93 -7.09 24.66
C GLN A 23 5.53 -5.85 23.87
N ILE A 24 6.11 -5.72 22.68
CA ILE A 24 5.96 -4.49 21.90
C ILE A 24 4.57 -4.29 21.34
N TRP A 25 3.68 -5.28 21.48
CA TRP A 25 2.30 -5.11 21.06
C TRP A 25 1.46 -4.35 22.08
N LEU A 26 2.00 -4.06 23.25
CA LEU A 26 1.24 -3.37 24.29
C LEU A 26 1.21 -1.87 24.03
N LYS A 27 0.03 -1.28 24.22
CA LYS A 27 -0.11 0.16 24.15
C LYS A 27 0.72 0.82 25.25
N PRO A 28 1.08 2.10 25.07
CA PRO A 28 1.87 2.78 26.12
C PRO A 28 1.21 2.77 27.49
N SER A 29 -0.10 2.98 27.56
CA SER A 29 -0.78 2.98 28.85
C SER A 29 -0.74 1.60 29.50
N GLU A 30 -0.79 0.53 28.71
CA GLU A 30 -0.68 -0.81 29.25
C GLU A 30 0.73 -1.10 29.75
N ILE A 31 1.75 -0.54 29.07
CA ILE A 31 3.11 -0.64 29.56
C ILE A 31 3.28 0.11 30.88
N GLU A 32 2.67 1.29 30.98
CA GLU A 32 2.77 2.08 32.20
C GLU A 32 2.11 1.35 33.38
N LYS A 33 0.97 0.72 33.15
CA LYS A 33 0.31 -0.03 34.21
C LYS A 33 1.19 -1.16 34.71
N ARG A 34 1.81 -1.92 33.80
CA ARG A 34 2.71 -2.99 34.22
C ARG A 34 3.95 -2.45 34.93
N CYS A 35 4.37 -1.24 34.59
CA CYS A 35 5.48 -0.62 35.33
C CYS A 35 5.03 -0.20 36.72
N GLU A 36 3.83 0.36 36.83
CA GLU A 36 3.27 0.70 38.14
C GLU A 36 3.20 -0.55 39.02
N GLU A 37 2.73 -1.67 38.47
CA GLU A 37 2.64 -2.90 39.23
C GLU A 37 4.01 -3.39 39.67
N LEU A 38 5.05 -3.14 38.86
CA LEU A 38 6.38 -3.60 39.21
C LEU A 38 6.93 -2.88 40.43
N PHE A 39 6.83 -1.55 40.43
CA PHE A 39 7.38 -0.76 41.53
C PHE A 39 6.47 -0.69 42.75
N LYS A 40 5.20 -1.12 42.63
CA LYS A 40 4.33 -1.21 43.79
C LYS A 40 4.45 -2.55 44.49
N ARG A 41 4.55 -3.65 43.73
CA ARG A 41 4.67 -4.96 44.34
C ARG A 41 5.92 -5.08 45.20
N SER A 42 7.01 -4.45 44.75
CA SER A 42 8.23 -4.32 45.55
C SER A 42 8.27 -2.89 46.07
N LYS A 43 7.58 -2.66 47.18
CA LYS A 43 7.37 -1.29 47.69
C LYS A 43 8.64 -0.81 48.36
N GLU A 44 9.50 -0.16 47.57
CA GLU A 44 10.74 0.41 48.09
C GLU A 44 10.69 1.91 48.30
N PHE A 45 10.12 2.66 47.36
CA PHE A 45 10.00 4.11 47.52
C PHE A 45 8.68 4.58 46.94
N ASP A 46 8.16 5.65 47.53
CA ASP A 46 6.94 6.28 47.03
C ASP A 46 7.31 7.22 45.88
N TYR A 47 6.46 7.27 44.87
CA TYR A 47 6.67 8.12 43.72
C TYR A 47 5.36 8.79 43.34
N LYS A 48 5.48 9.94 42.67
CA LYS A 48 4.32 10.73 42.32
C LYS A 48 3.83 10.50 40.90
N ARG A 49 4.72 10.25 39.95
CA ARG A 49 4.31 10.13 38.55
C ARG A 49 5.17 9.10 37.84
N ILE A 50 4.59 8.52 36.78
CA ILE A 50 5.25 7.52 35.96
C ILE A 50 5.12 7.93 34.50
N LEU A 51 6.22 7.87 33.75
CA LEU A 51 6.21 8.18 32.33
C LEU A 51 7.01 7.12 31.58
N VAL A 52 6.42 6.58 30.53
CA VAL A 52 7.12 5.67 29.62
C VAL A 52 7.17 6.32 28.25
N SER A 53 8.35 6.34 27.65
CA SER A 53 8.52 6.83 26.29
C SER A 53 9.57 5.96 25.61
N GLY A 54 9.94 6.34 24.40
CA GLY A 54 10.77 5.48 23.57
C GLY A 54 9.95 4.37 22.96
N GLU A 55 10.65 3.48 22.25
CA GLU A 55 10.00 2.36 21.60
C GLU A 55 11.01 1.22 21.43
N THR A 56 10.48 0.00 21.33
CA THR A 56 11.24 -1.24 21.20
C THR A 56 12.57 -1.22 21.96
N ASP A 57 13.67 -1.06 21.24
CA ASP A 57 15.00 -1.21 21.83
C ASP A 57 15.53 0.07 22.48
N ASN A 58 14.68 1.07 22.69
CA ASN A 58 15.09 2.25 23.45
C ASN A 58 14.01 2.70 24.42
N THR A 59 13.03 1.84 24.70
CA THR A 59 11.95 2.20 25.61
C THR A 59 12.51 2.60 26.97
N THR A 60 11.99 3.69 27.51
CA THR A 60 12.54 4.32 28.70
C THR A 60 11.43 4.59 29.70
N LEU A 61 11.69 4.28 30.97
CA LEU A 61 10.77 4.57 32.05
C LEU A 61 11.33 5.69 32.91
N TYR A 62 10.47 6.65 33.25
CA TYR A 62 10.80 7.73 34.17
C TYR A 62 9.93 7.57 35.41
N VAL A 63 10.56 7.35 36.57
CA VAL A 63 9.87 7.28 37.85
C VAL A 63 10.12 8.59 38.57
N ILE A 64 9.08 9.39 38.74
CA ILE A 64 9.20 10.72 39.31
C ILE A 64 8.77 10.62 40.78
N GLU A 65 9.75 10.37 41.65
CA GLU A 65 9.50 10.51 43.09
C GLU A 65 9.03 11.91 43.42
N ASP A 66 9.64 12.91 42.79
CA ASP A 66 9.39 14.33 43.02
C ASP A 66 10.11 15.07 41.91
N SER A 67 9.81 16.37 41.78
CA SER A 67 10.48 17.16 40.76
C SER A 67 12.00 17.16 40.95
N SER A 68 12.46 16.95 42.19
CA SER A 68 13.88 17.01 42.52
C SER A 68 14.53 15.63 42.61
N LYS A 69 13.82 14.56 42.24
CA LYS A 69 14.38 13.21 42.29
C LYS A 69 13.66 12.37 41.24
N ILE A 70 14.32 12.18 40.10
CA ILE A 70 13.73 11.51 38.95
C ILE A 70 14.60 10.30 38.59
N HIS A 71 14.03 9.11 38.69
CA HIS A 71 14.69 7.89 38.29
C HIS A 71 14.45 7.63 36.81
N VAL A 72 15.49 7.19 36.10
CA VAL A 72 15.40 6.89 34.68
C VAL A 72 15.96 5.50 34.44
N PHE A 73 15.18 4.64 33.79
CA PHE A 73 15.57 3.28 33.47
C PHE A 73 15.56 3.10 31.96
N SER A 74 16.67 2.60 31.42
CA SER A 74 16.79 2.30 30.00
C SER A 74 17.45 0.94 29.84
N PRO A 75 16.66 -0.15 29.94
CA PRO A 75 17.26 -1.50 29.91
C PRO A 75 17.81 -1.91 28.56
N ASN A 76 17.38 -1.29 27.46
CA ASN A 76 17.77 -1.72 26.13
C ASN A 76 18.77 -0.81 25.43
N ARG A 77 19.01 0.39 25.95
CA ARG A 77 19.94 1.30 25.28
C ARG A 77 20.64 2.18 26.30
N ASP A 78 21.85 2.58 25.95
CA ASP A 78 22.65 3.50 26.77
C ASP A 78 21.91 4.81 26.97
N LEU A 79 21.71 5.18 28.24
CA LEU A 79 21.01 6.42 28.57
C LEU A 79 21.69 7.64 27.96
N ARG A 80 23.00 7.57 27.72
CA ARG A 80 23.71 8.70 27.14
C ARG A 80 23.17 9.05 25.75
N GLU A 81 22.50 8.12 25.08
CA GLU A 81 21.88 8.37 23.79
C GLU A 81 20.42 8.79 23.89
N ASN A 82 19.89 8.95 25.10
CA ASN A 82 18.49 9.32 25.29
C ASN A 82 18.24 10.70 24.69
N PRO A 83 17.31 10.83 23.74
CA PRO A 83 17.13 12.14 23.07
C PRO A 83 16.45 13.17 23.96
N LEU A 84 15.63 12.75 24.92
CA LEU A 84 15.00 13.70 25.82
C LEU A 84 16.03 14.34 26.75
N LEU A 85 16.88 13.52 27.36
CA LEU A 85 17.93 14.04 28.22
C LEU A 85 18.89 14.92 27.42
N ARG A 87 18.20 16.82 24.88
CA ARG A 87 17.61 18.14 24.67
C ARG A 87 17.58 18.95 25.96
N TRP A 88 17.51 18.29 27.11
CA TRP A 88 17.48 18.98 28.39
C TRP A 88 18.87 19.45 28.79
N HIS A 89 19.85 18.56 28.76
CA HIS A 89 21.21 18.84 29.18
C HIS A 89 22.16 17.91 28.45
N PRO A 90 22.64 18.28 27.26
CA PRO A 90 23.36 17.32 26.41
C PRO A 90 24.66 16.80 27.00
N SER A 91 25.16 17.40 28.09
CA SER A 91 26.40 16.93 28.72
C SER A 91 26.15 16.45 30.15
N TRP A 92 24.95 15.91 30.41
CA TRP A 92 24.64 15.45 31.75
C TRP A 92 25.56 14.32 32.20
N TYR A 93 26.10 13.55 31.26
CA TYR A 93 26.99 12.44 31.58
C TYR A 93 28.46 12.85 31.62
N GLU A 94 28.77 14.11 31.35
CA GLU A 94 30.12 14.68 31.51
C GLU A 94 31.10 13.86 30.69
N ILE A 95 32.08 13.18 31.30
CA ILE A 95 33.05 12.40 30.56
C ILE A 95 32.97 10.92 30.91
N GLU A 96 31.82 10.46 31.40
CA GLU A 96 31.60 9.04 31.62
C GLU A 96 31.81 8.28 30.31
N SER A 97 32.71 7.29 30.35
CA SER A 97 33.02 6.50 29.17
C SER A 97 32.28 5.16 29.14
N LYS A 98 31.69 4.74 30.25
CA LYS A 98 30.89 3.53 30.29
C LYS A 98 29.45 3.83 29.92
N GLU A 99 28.73 2.79 29.51
CA GLU A 99 27.33 2.92 29.16
C GLU A 99 26.47 2.93 30.42
N ILE A 100 25.46 3.81 30.42
CA ILE A 100 24.62 4.04 31.59
C ILE A 100 23.22 3.53 31.28
N TYR A 101 22.71 2.65 32.14
CA TYR A 101 21.38 2.10 31.98
C TYR A 101 20.41 2.54 33.09
N TYR A 102 20.94 3.08 34.18
CA TYR A 102 20.11 3.69 35.22
C TYR A 102 20.76 4.97 35.69
N LYS A 103 19.95 5.98 35.99
CA LYS A 103 20.45 7.25 36.48
C LYS A 103 19.37 7.91 37.31
N CYS A 104 19.74 8.43 38.48
CA CYS A 104 18.84 9.21 39.32
C CYS A 104 19.27 10.66 39.26
N PHE A 105 18.40 11.51 38.74
CA PHE A 105 18.69 12.93 38.63
C PHE A 105 18.14 13.65 39.86
N LEU A 106 19.02 14.36 40.57
CA LEU A 106 18.68 15.03 41.81
C LEU A 106 18.62 16.53 41.60
N SER A 107 17.54 17.16 42.05
CA SER A 107 17.37 18.61 41.99
C SER A 107 17.55 19.15 40.57
N CYS A 108 16.93 18.46 39.62
CA CYS A 108 16.94 18.87 38.22
C CYS A 108 15.52 19.30 37.85
N GLU A 109 15.16 20.51 38.25
CA GLU A 109 13.79 20.97 38.10
C GLU A 109 13.41 21.18 36.64
N GLU A 110 14.37 21.49 35.78
CA GLU A 110 14.06 21.67 34.37
C GLU A 110 13.73 20.35 33.68
N LEU A 111 14.34 19.26 34.14
CA LEU A 111 14.04 17.95 33.55
C LEU A 111 12.59 17.57 33.77
N TYR A 112 12.04 17.93 34.94
CA TYR A 112 10.62 17.66 35.21
C TYR A 112 9.71 18.36 34.21
N GLU A 113 10.11 19.55 33.75
CA GLU A 113 9.32 20.25 32.75
C GLU A 113 9.42 19.58 31.38
N HIS A 114 10.59 19.04 31.05
CA HIS A 114 10.74 18.31 29.79
C HIS A 114 9.87 17.06 29.76
N LEU A 115 9.57 16.49 30.93
CA LEU A 115 8.79 15.26 31.00
C LEU A 115 7.29 15.48 30.83
N GLU A 116 6.83 16.73 30.81
CA GLU A 116 5.42 17.03 30.56
C GLU A 116 5.20 17.07 29.04
N LEU A 117 5.24 15.88 28.44
CA LEU A 117 5.21 15.77 26.99
C LEU A 117 3.87 16.23 26.43
N PRO A 118 3.87 16.78 25.21
CA PRO A 118 2.60 17.07 24.54
C PRO A 118 1.91 15.79 24.11
N THR A 119 0.63 15.92 23.76
CA THR A 119 -0.18 14.79 23.36
C THR A 119 -0.57 14.92 21.90
N VAL A 120 -0.39 13.83 21.16
CA VAL A 120 -0.74 13.74 19.75
C VAL A 120 -1.70 12.57 19.58
N THR A 121 -2.76 12.78 18.81
CA THR A 121 -3.67 11.71 18.41
C THR A 121 -3.64 11.60 16.90
N LEU A 122 -3.28 10.42 16.41
CA LEU A 122 -3.25 10.14 14.99
C LEU A 122 -4.46 9.29 14.62
N VAL A 123 -5.21 9.74 13.62
CA VAL A 123 -6.39 9.05 13.14
C VAL A 123 -6.08 8.54 11.73
N ASN A 124 -6.11 7.23 11.56
CA ASN A 124 -5.83 6.61 10.26
C ASN A 124 -7.15 6.30 9.57
N LEU A 125 -7.47 7.10 8.55
CA LEU A 125 -8.65 6.86 7.73
C LEU A 125 -8.23 5.89 6.64
N CYS A 126 -8.38 4.61 6.92
CA CYS A 126 -7.85 3.57 6.06
C CYS A 126 -8.72 2.33 6.21
N VAL A 127 -9.05 1.70 5.08
CA VAL A 127 -9.78 0.44 5.09
C VAL A 127 -8.77 -0.67 4.86
N ILE A 128 -9.17 -1.89 5.24
CA ILE A 128 -8.35 -3.07 5.03
C ILE A 128 -8.53 -3.51 3.58
N GLU A 129 -7.47 -3.38 2.79
CA GLU A 129 -7.50 -3.88 1.41
C GLU A 129 -7.60 -5.39 1.42
N ASN A 130 -8.46 -5.94 0.57
CA ASN A 130 -8.70 -7.38 0.53
C ASN A 130 -8.09 -8.07 -0.69
N PHE A 131 -7.69 -7.33 -1.72
CA PHE A 131 -7.15 -7.94 -2.92
C PHE A 131 -5.64 -7.75 -2.99
N PRO A 132 -4.86 -8.83 -3.21
CA PRO A 132 -5.35 -10.19 -3.41
C PRO A 132 -5.67 -10.90 -2.09
N ILE A 133 -5.03 -10.46 -1.01
CA ILE A 133 -5.33 -10.97 0.33
C ILE A 133 -5.44 -9.79 1.28
N PRO A 134 -6.13 -9.96 2.40
CA PRO A 134 -6.22 -8.86 3.38
C PRO A 134 -4.84 -8.46 3.88
N ARG A 135 -4.67 -7.16 4.10
CA ARG A 135 -3.42 -6.63 4.64
C ARG A 135 -3.74 -5.49 5.59
N LEU A 136 -3.03 -5.47 6.73
CA LEU A 136 -3.21 -4.47 7.77
C LEU A 136 -2.14 -3.40 7.58
N ASN A 137 -2.56 -2.18 7.25
CA ASN A 137 -1.63 -1.10 6.94
C ASN A 137 -1.05 -0.53 8.23
N LEU A 138 0.28 -0.55 8.35
CA LEU A 138 0.98 -0.07 9.54
C LEU A 138 1.72 1.24 9.31
N SER A 139 1.50 1.91 8.17
CA SER A 139 2.32 3.06 7.81
C SER A 139 2.18 4.20 8.81
N THR A 140 0.96 4.50 9.24
CA THR A 140 0.74 5.57 10.22
C THR A 140 1.46 5.30 11.53
N GLY A 141 1.77 4.03 11.83
CA GLY A 141 2.50 3.70 13.04
C GLY A 141 3.95 4.15 13.04
N THR A 142 4.51 4.45 11.87
CA THR A 142 5.88 4.98 11.82
C THR A 142 5.93 6.42 12.32
N LEU A 143 4.88 7.20 12.04
CA LEU A 143 4.81 8.56 12.57
C LEU A 143 4.76 8.54 14.09
N SER A 144 3.99 7.62 14.67
CA SER A 144 3.95 7.50 16.12
C SER A 144 5.27 6.97 16.67
N SER A 145 5.85 5.96 16.02
CA SER A 145 7.09 5.38 16.53
C SER A 145 8.25 6.36 16.45
N TYR A 146 8.27 7.21 15.42
CA TYR A 146 9.26 8.27 15.37
C TYR A 146 9.13 9.19 16.58
N LEU A 147 7.92 9.69 16.84
CA LEU A 147 7.71 10.60 17.96
C LEU A 147 8.04 9.92 19.28
N ARG A 148 7.72 8.63 19.42
CA ARG A 148 8.05 7.92 20.65
C ARG A 148 9.56 7.71 20.77
N LYS A 149 10.21 7.28 19.69
CA LYS A 149 11.66 7.09 19.74
C LYS A 149 12.37 8.39 20.12
N GLU A 150 11.97 9.50 19.51
CA GLU A 150 12.51 10.80 19.87
C GLU A 150 12.00 11.30 21.21
N GLN A 151 11.03 10.60 21.80
CA GLN A 151 10.43 10.99 23.08
C GLN A 151 9.92 12.43 23.03
N LEU A 152 9.26 12.76 21.92
CA LEU A 152 8.74 14.10 21.69
C LEU A 152 7.30 14.28 22.17
N ALA A 153 6.53 13.20 22.29
CA ALA A 153 5.12 13.34 22.65
C ALA A 153 4.56 11.99 23.06
N LYS A 154 3.50 12.04 23.86
CA LYS A 154 2.61 10.90 24.04
C LYS A 154 1.70 10.80 22.83
N VAL A 155 1.65 9.63 22.20
CA VAL A 155 0.94 9.45 20.93
C VAL A 155 -0.13 8.39 21.10
N GLU A 156 -1.35 8.72 20.71
CA GLU A 156 -2.46 7.80 20.68
C GLU A 156 -2.84 7.53 19.22
N LEU A 157 -3.08 6.26 18.90
CA LEU A 157 -3.43 5.84 17.56
C LEU A 157 -4.89 5.42 17.51
N ILE A 158 -5.64 6.03 16.59
CA ILE A 158 -6.99 5.59 16.25
C ILE A 158 -6.98 5.18 14.79
N ASP A 159 -7.19 3.89 14.54
CA ASP A 159 -7.15 3.34 13.19
C ASP A 159 -8.52 2.75 12.87
N GLN A 161 -9.27 0.80 10.56
CA GLN A 161 -9.18 -0.56 10.05
C GLN A 161 -9.82 -1.57 11.00
N VAL A 162 -9.88 -1.26 12.30
CA VAL A 162 -10.49 -2.16 13.26
C VAL A 162 -11.99 -1.91 13.43
N GLY A 163 -12.56 -1.00 12.64
CA GLY A 163 -13.98 -0.74 12.72
C GLY A 163 -14.40 0.39 13.64
N THR A 164 -13.45 1.16 14.15
CA THR A 164 -13.79 2.31 14.98
C THR A 164 -14.68 3.27 14.21
N THR A 165 -15.84 3.59 14.78
CA THR A 165 -16.80 4.43 14.10
C THR A 165 -16.46 5.90 14.30
N ILE A 166 -17.14 6.75 13.51
CA ILE A 166 -16.92 8.19 13.59
C ILE A 166 -17.26 8.71 14.99
N ASN A 167 -18.40 8.27 15.52
CA ASN A 167 -18.81 8.72 16.85
C ASN A 167 -17.81 8.28 17.92
N GLN A 168 -17.25 7.08 17.76
CA GLN A 168 -16.22 6.62 18.68
C GLN A 168 -14.96 7.47 18.58
N ILE A 169 -14.57 7.85 17.36
CA ILE A 169 -13.41 8.72 17.18
C ILE A 169 -13.64 10.04 17.89
N ILE A 170 -14.80 10.65 17.68
CA ILE A 170 -15.10 11.94 18.29
C ILE A 170 -15.06 11.84 19.81
N LYS A 171 -15.66 10.78 20.37
CA LYS A 171 -15.65 10.60 21.82
C LYS A 171 -14.24 10.44 22.34
N ASN A 172 -13.40 9.70 21.62
CA ASN A 172 -12.01 9.51 22.02
C ASN A 172 -11.26 10.84 22.06
N LEU A 173 -11.44 11.66 21.01
CA LEU A 173 -10.75 12.94 20.94
C LEU A 173 -11.17 13.86 22.08
N LEU A 174 -12.48 13.97 22.33
CA LEU A 174 -12.97 14.83 23.40
C LEU A 174 -12.48 14.34 24.76
N ASP A 175 -12.37 13.02 24.93
CA ASP A 175 -11.91 12.48 26.20
C ASP A 175 -10.42 12.71 26.41
N SER A 176 -9.62 12.53 25.35
CA SER A 176 -8.17 12.65 25.47
C SER A 176 -7.68 14.10 25.38
N GLN A 177 -8.42 14.97 24.71
CA GLN A 177 -8.07 16.38 24.60
C GLN A 177 -6.63 16.58 24.11
N PRO A 178 -6.29 16.08 22.93
CA PRO A 178 -4.90 16.14 22.47
C PRO A 178 -4.51 17.54 22.01
N ASP A 179 -3.22 17.84 22.14
CA ASP A 179 -2.71 19.11 21.65
C ASP A 179 -2.72 19.16 20.12
N ILE A 180 -2.45 18.03 19.49
CA ILE A 180 -2.37 17.92 18.03
C ILE A 180 -3.20 16.72 17.60
N ILE A 181 -4.01 16.90 16.56
CA ILE A 181 -4.74 15.81 15.92
C ILE A 181 -4.23 15.68 14.50
N GLY A 182 -3.77 14.48 14.14
CA GLY A 182 -3.30 14.21 12.80
C GLY A 182 -4.20 13.26 12.04
N LEU A 183 -4.73 13.71 10.91
CA LEU A 183 -5.56 12.87 10.05
C LEU A 183 -4.72 12.36 8.89
N SER A 184 -4.66 11.04 8.74
CA SER A 184 -4.05 10.41 7.58
C SER A 184 -5.16 9.98 6.63
N VAL A 185 -5.22 10.60 5.46
CA VAL A 185 -6.29 10.38 4.50
C VAL A 185 -5.74 9.47 3.41
N ASN A 186 -6.19 8.22 3.41
CA ASN A 186 -5.80 7.29 2.37
C ASN A 186 -6.68 7.53 1.13
N PHE A 187 -6.37 6.81 0.05
CA PHE A 187 -7.06 7.03 -1.21
C PHE A 187 -8.55 6.72 -1.08
N GLY A 188 -9.38 7.67 -1.51
CA GLY A 188 -10.81 7.48 -1.48
C GLY A 188 -11.48 7.75 -0.15
N GLN A 189 -10.77 8.34 0.81
CA GLN A 189 -11.33 8.64 2.12
C GLN A 189 -11.47 10.14 2.35
N LYS A 190 -11.40 10.94 1.28
CA LYS A 190 -11.46 12.39 1.43
C LYS A 190 -12.84 12.85 1.93
N LYS A 191 -13.90 12.23 1.44
CA LYS A 191 -15.24 12.57 1.91
C LYS A 191 -15.41 12.21 3.38
N LEU A 192 -14.88 11.05 3.79
CA LEU A 192 -14.92 10.68 5.20
C LEU A 192 -14.12 11.66 6.05
N ALA A 193 -12.99 12.13 5.52
CA ALA A 193 -12.20 13.14 6.24
C ALA A 193 -12.99 14.43 6.41
N PHE A 194 -13.79 14.80 5.40
CA PHE A 194 -14.59 16.00 5.51
C PHE A 194 -15.66 15.87 6.58
N GLU A 195 -16.29 14.70 6.69
CA GLU A 195 -17.27 14.49 7.75
C GLU A 195 -16.61 14.56 9.12
N ILE A 196 -15.46 13.91 9.26
CA ILE A 196 -14.76 13.90 10.55
C ILE A 196 -14.26 15.30 10.91
N LEU A 197 -13.71 16.02 9.93
CA LEU A 197 -13.26 17.38 10.19
C LEU A 197 -14.44 18.30 10.51
N ASP A 198 -15.61 18.05 9.92
CA ASP A 198 -16.79 18.81 10.27
C ASP A 198 -17.11 18.68 11.76
N LEU A 199 -17.13 17.44 12.26
CA LEU A 199 -17.44 17.22 13.67
C LEU A 199 -16.35 17.78 14.57
N ILE A 200 -15.09 17.58 14.20
CA ILE A 200 -13.98 18.09 15.02
C ILE A 200 -14.10 19.61 15.18
N TYR A 201 -14.33 20.31 14.07
CA TYR A 201 -14.36 21.76 14.12
C TYR A 201 -15.63 22.28 14.80
N SER A 202 -16.71 21.52 14.75
CA SER A 202 -17.89 21.91 15.52
C SER A 202 -17.58 21.88 17.02
N HIS A 203 -16.89 20.84 17.48
CA HIS A 203 -16.52 20.75 18.88
C HIS A 203 -15.46 21.78 19.26
N ILE A 204 -14.67 22.26 18.31
CA ILE A 204 -13.72 23.33 18.61
C ILE A 204 -14.45 24.65 18.75
N GLU A 205 -15.35 24.96 17.81
CA GLU A 205 -16.14 26.18 17.93
C GLU A 205 -17.04 26.14 19.16
N ASN A 206 -17.46 24.96 19.58
CA ASN A 206 -18.30 24.81 20.77
C ASN A 206 -17.50 24.88 22.06
N GLY A 207 -16.17 25.01 21.99
CA GLY A 207 -15.36 25.05 23.18
C GLY A 207 -15.20 23.72 23.89
N ASP A 208 -15.37 22.60 23.17
CA ASP A 208 -15.15 21.29 23.73
C ASP A 208 -13.75 20.75 23.46
N LEU A 209 -12.97 21.45 22.63
CA LEU A 209 -11.73 20.90 22.11
C LEU A 209 -10.92 22.04 21.52
N SER A 210 -9.61 22.06 21.82
CA SER A 210 -8.68 23.02 21.24
C SER A 210 -7.45 22.24 20.80
N SER A 211 -7.36 21.96 19.51
CA SER A 211 -6.27 21.15 18.98
C SER A 211 -5.81 21.72 17.65
N ILE A 212 -4.49 21.71 17.46
CA ILE A 212 -3.95 21.89 16.11
C ILE A 212 -4.36 20.70 15.27
N ILE A 213 -4.83 20.96 14.06
CA ILE A 213 -5.33 19.92 13.17
C ILE A 213 -4.44 19.90 11.93
N THR A 214 -3.87 18.74 11.64
CA THR A 214 -3.14 18.52 10.39
C THR A 214 -3.79 17.36 9.64
N VAL A 215 -3.83 17.50 8.31
CA VAL A 215 -4.33 16.46 7.43
C VAL A 215 -3.24 16.11 6.44
N GLY A 216 -2.93 14.82 6.35
CA GLY A 216 -1.98 14.34 5.38
C GLY A 216 -2.64 13.38 4.41
N ASN A 217 -2.48 13.63 3.11
CA ASN A 217 -3.05 12.79 2.08
C ASN A 217 -1.97 11.85 1.57
N VAL A 218 -2.28 10.55 1.57
CA VAL A 218 -1.32 9.56 1.07
C VAL A 218 -1.09 9.75 -0.42
N ILE A 219 -2.14 10.10 -1.17
CA ILE A 219 -2.07 10.26 -2.61
C ILE A 219 -2.38 11.72 -2.93
N PRO A 220 -1.44 12.48 -3.50
CA PRO A 220 -1.66 13.92 -3.69
C PRO A 220 -2.59 14.24 -4.84
N SER A 221 -3.67 13.48 -4.98
CA SER A 221 -4.69 13.73 -6.01
C SER A 221 -5.71 14.75 -5.54
N PHE A 222 -5.22 15.87 -4.99
CA PHE A 222 -6.08 16.87 -4.40
C PHE A 222 -5.41 18.24 -4.55
N SER A 223 -6.16 19.28 -4.21
CA SER A 223 -5.57 20.60 -4.06
C SER A 223 -5.84 21.12 -2.66
N PRO A 224 -4.87 21.84 -2.06
CA PRO A 224 -5.09 22.35 -0.70
C PRO A 224 -6.28 23.29 -0.60
N GLU A 225 -6.63 23.99 -1.67
CA GLU A 225 -7.77 24.90 -1.64
C GLU A 225 -9.08 24.16 -1.43
N GLN A 226 -9.13 22.86 -1.76
CA GLN A 226 -10.33 22.08 -1.46
C GLN A 226 -10.57 21.99 0.03
N PHE A 227 -9.50 22.01 0.84
CA PHE A 227 -9.63 21.97 2.29
C PHE A 227 -9.75 23.37 2.90
N PHE A 228 -8.94 24.31 2.42
CA PHE A 228 -8.95 25.66 2.99
C PHE A 228 -10.28 26.36 2.78
N GLU A 229 -10.97 26.04 1.68
CA GLU A 229 -12.31 26.59 1.46
C GLU A 229 -13.23 26.30 2.63
N ARG A 230 -13.16 25.08 3.16
CA ARG A 230 -14.04 24.64 4.24
C ARG A 230 -13.40 24.75 5.61
N TYR A 231 -12.08 24.60 5.70
CA TYR A 231 -11.36 24.66 6.97
C TYR A 231 -10.20 25.63 6.81
N PRO A 232 -10.45 26.93 7.00
CA PRO A 232 -9.39 27.92 6.73
C PRO A 232 -8.22 27.87 7.69
N SER A 233 -8.35 27.25 8.86
CA SER A 233 -7.26 27.15 9.81
C SER A 233 -6.53 25.80 9.74
N LEU A 234 -7.00 24.89 8.90
CA LEU A 234 -6.38 23.57 8.80
C LEU A 234 -4.96 23.67 8.26
N LEU A 235 -4.07 22.85 8.79
CA LEU A 235 -2.73 22.70 8.27
C LEU A 235 -2.66 21.45 7.42
N ILE A 236 -2.17 21.60 6.18
CA ILE A 236 -2.03 20.47 5.26
C ILE A 236 -0.55 20.10 5.21
N CYS A 237 -0.25 18.85 5.53
CA CYS A 237 1.13 18.40 5.61
C CYS A 237 1.37 17.28 4.59
N ASP A 238 2.62 16.84 4.54
CA ASP A 238 3.03 15.82 3.58
C ASP A 238 2.68 14.42 4.10
N LYS A 239 2.63 13.48 3.16
CA LYS A 239 2.48 12.06 3.53
C LYS A 239 3.48 11.66 4.61
N GLU A 240 4.73 12.10 4.48
CA GLU A 240 5.75 11.88 5.50
C GLU A 240 5.71 13.06 6.48
N GLY A 241 4.98 12.88 7.58
CA GLY A 241 4.74 13.95 8.53
C GLY A 241 5.63 13.96 9.74
N GLU A 242 6.71 13.15 9.76
CA GLU A 242 7.57 13.07 10.94
C GLU A 242 8.09 14.45 11.35
N TYR A 243 8.72 15.17 10.41
CA TYR A 243 9.30 16.47 10.76
C TYR A 243 8.22 17.51 10.97
N THR A 244 7.08 17.37 10.30
CA THR A 244 5.97 18.29 10.53
C THR A 244 5.49 18.22 11.97
N LEU A 245 5.25 17.01 12.47
CA LEU A 245 4.80 16.87 13.86
C LEU A 245 5.90 17.29 14.84
N ARG A 246 7.16 17.02 14.50
CA ARG A 246 8.25 17.51 15.34
C ARG A 246 8.22 19.03 15.45
N ASP A 247 8.06 19.72 14.33
CA ASP A 247 8.09 21.18 14.34
C ASP A 247 6.85 21.76 15.00
N LEU A 248 5.69 21.11 14.86
CA LEU A 248 4.49 21.58 15.55
C LEU A 248 4.63 21.44 17.05
N ILE A 249 5.31 20.39 17.52
CA ILE A 249 5.58 20.24 18.94
C ILE A 249 6.57 21.30 19.40
N LYS A 250 7.56 21.63 18.56
CA LYS A 250 8.45 22.73 18.86
C LYS A 250 7.68 24.05 18.95
N LEU A 252 4.56 24.40 19.82
CA LEU A 252 3.81 24.39 21.07
C LEU A 252 4.69 24.76 22.25
N LYS A 253 5.93 24.28 22.26
CA LYS A 253 6.90 24.66 23.27
C LYS A 253 7.54 26.03 22.97
N LYS A 254 6.98 26.77 22.02
CA LYS A 254 7.45 28.11 21.65
C LYS A 254 8.93 28.10 21.27
N GLU A 255 9.32 27.11 20.47
CA GLU A 255 10.65 27.04 19.89
C GLU A 255 10.64 27.34 18.39
N LEU A 256 9.46 27.51 17.80
CA LEU A 256 9.33 27.74 16.37
C LEU A 256 8.07 28.55 16.11
N LYS A 257 8.10 29.34 15.04
CA LYS A 257 6.93 30.03 14.55
C LYS A 257 6.24 29.18 13.47
N LEU A 258 4.99 29.54 13.19
CA LEU A 258 4.20 28.74 12.25
C LEU A 258 4.82 28.70 10.87
N ASP A 259 5.37 29.83 10.40
CA ASP A 259 5.98 29.85 9.08
C ASP A 259 7.34 29.14 9.04
N GLU A 260 7.79 28.59 10.16
CA GLU A 260 9.01 27.80 10.23
C GLU A 260 8.74 26.31 10.31
N VAL A 261 7.48 25.88 10.26
CA VAL A 261 7.13 24.48 10.44
C VAL A 261 7.31 23.74 9.13
N ASN A 262 8.07 22.64 9.17
N ASN A 262 8.08 22.65 9.16
CA ASN A 262 8.39 21.88 7.99
CA ASN A 262 8.45 21.96 7.93
C ASN A 262 7.14 21.32 7.32
C ASN A 262 7.24 21.26 7.31
N GLY A 263 7.07 21.46 6.00
CA GLY A 263 6.12 20.69 5.22
C GLY A 263 4.66 21.01 5.36
N ILE A 264 4.28 22.16 5.91
CA ILE A 264 2.87 22.51 6.02
C ILE A 264 2.50 23.54 4.97
N SER A 265 1.26 23.44 4.51
CA SER A 265 0.62 24.45 3.68
C SER A 265 -0.58 24.99 4.44
N TYR A 266 -0.71 26.30 4.51
CA TYR A 266 -1.72 26.91 5.37
C TYR A 266 -2.08 28.29 4.86
N VAL A 267 -3.10 28.88 5.48
CA VAL A 267 -3.58 30.22 5.16
C VAL A 267 -3.15 31.13 6.31
N ASP A 268 -2.38 32.16 5.99
CA ASP A 268 -1.90 33.08 7.01
C ASP A 268 -2.96 34.14 7.28
N GLU A 269 -2.60 35.18 8.03
CA GLU A 269 -3.55 36.21 8.43
C GLU A 269 -4.01 37.07 7.26
N SER A 270 -3.29 37.05 6.15
CA SER A 270 -3.64 37.87 4.98
C SER A 270 -4.58 37.15 4.02
N GLY A 271 -4.97 35.91 4.32
CA GLY A 271 -5.88 35.17 3.46
C GLY A 271 -5.21 34.45 2.31
N GLU A 272 -3.89 34.53 2.18
CA GLU A 272 -3.17 33.87 1.10
C GLU A 272 -2.62 32.53 1.58
N VAL A 273 -2.51 31.59 0.64
CA VAL A 273 -1.97 30.27 0.94
C VAL A 273 -0.46 30.35 1.03
N LYS A 274 0.09 29.94 2.16
CA LYS A 274 1.54 29.91 2.38
C LYS A 274 2.01 28.47 2.35
N HIS A 275 3.09 28.22 1.60
CA HIS A 275 3.71 26.90 1.51
C HIS A 275 5.07 26.96 2.20
N ASN A 276 5.24 26.15 3.23
CA ASN A 276 6.51 26.09 3.94
C ASN A 276 7.44 25.05 3.33
N VAL A 277 8.74 25.26 3.52
CA VAL A 277 9.72 24.32 2.99
C VAL A 277 9.56 22.96 3.67
N ALA A 278 9.83 21.90 2.92
CA ALA A 278 9.65 20.52 3.39
C ALA A 278 10.97 19.78 3.29
N GLU A 279 11.72 19.75 4.39
CA GLU A 279 12.95 18.98 4.46
C GLU A 279 12.64 17.48 4.34
N THR A 280 13.44 16.78 3.55
CA THR A 280 13.22 15.36 3.33
C THR A 280 13.54 14.58 4.60
N VAL A 281 12.61 13.71 5.01
CA VAL A 281 12.78 12.95 6.24
C VAL A 281 13.90 11.94 6.07
N ASN A 282 14.81 11.89 7.06
CA ASN A 282 15.91 10.93 7.06
C ASN A 282 15.35 9.58 7.51
N PHE A 283 14.66 8.92 6.59
CA PHE A 283 13.97 7.68 6.90
C PHE A 283 14.94 6.60 7.40
N LYS A 284 16.11 6.48 6.78
CA LYS A 284 17.01 5.39 7.10
C LYS A 284 17.46 5.42 8.55
N GLU A 285 17.65 6.60 9.13
CA GLU A 285 18.29 6.72 10.42
C GLU A 285 17.35 7.06 11.57
N GLU A 286 16.16 7.59 11.30
CA GLU A 286 15.33 8.14 12.35
C GLU A 286 13.95 7.52 12.49
N VAL A 287 13.51 6.69 11.54
CA VAL A 287 12.16 6.13 11.57
C VAL A 287 12.26 4.67 12.00
N PRO A 288 11.79 4.30 13.19
CA PRO A 288 11.92 2.91 13.65
C PRO A 288 10.75 2.03 13.22
N THR A 289 10.68 0.84 13.82
CA THR A 289 9.59 -0.09 13.56
C THR A 289 8.24 0.60 13.77
N PRO A 290 7.29 0.43 12.86
CA PRO A 290 5.96 1.03 13.08
C PRO A 290 5.35 0.59 14.39
N SER A 291 4.69 1.52 15.08
CA SER A 291 3.98 1.19 16.30
C SER A 291 2.97 0.07 16.04
N LEU A 292 2.91 -0.89 16.95
CA LEU A 292 2.07 -2.07 16.79
C LEU A 292 0.88 -2.06 17.74
N ASP A 293 0.42 -0.86 18.12
CA ASP A 293 -0.76 -0.73 18.97
C ASP A 293 -1.98 -1.36 18.33
N ILE A 294 -2.02 -1.43 17.00
CA ILE A 294 -3.22 -1.82 16.29
C ILE A 294 -3.49 -3.31 16.42
N LEU A 295 -2.46 -4.12 16.65
CA LEU A 295 -2.62 -5.57 16.67
C LEU A 295 -3.54 -6.02 17.79
N GLY A 296 -3.40 -5.41 18.98
CA GLY A 296 -4.28 -5.74 20.08
C GLY A 296 -5.73 -5.35 19.86
N GLU A 297 -5.97 -4.35 19.00
CA GLU A 297 -7.33 -3.89 18.73
C GLU A 297 -8.06 -4.78 17.74
N ILE A 298 -7.32 -5.46 16.86
N ILE A 298 -7.36 -5.36 16.77
CA ILE A 298 -7.85 -6.50 15.99
CA ILE A 298 -8.06 -6.16 15.77
C ILE A 298 -6.92 -7.73 16.07
C ILE A 298 -8.46 -7.48 16.41
N SER A 299 -7.24 -8.67 16.97
N SER A 299 -9.75 -7.82 16.32
CA SER A 299 -6.33 -9.77 17.26
CA SER A 299 -10.27 -8.98 17.03
C SER A 299 -6.56 -11.01 16.41
C SER A 299 -9.53 -10.25 16.62
N LYS A 300 -7.74 -11.16 15.82
N LYS A 300 -9.64 -10.63 15.35
CA LYS A 300 -8.06 -12.34 15.02
CA LYS A 300 -8.91 -11.77 14.81
C LYS A 300 -7.88 -12.08 13.52
C LYS A 300 -8.54 -11.40 13.37
N PHE A 301 -7.31 -10.94 13.15
CA PHE A 301 -6.85 -10.67 11.80
C PHE A 301 -6.05 -11.85 11.25
N ARG A 302 -6.39 -12.27 10.04
CA ARG A 302 -5.61 -13.24 9.28
C ARG A 302 -5.29 -12.62 7.92
N GLY A 303 -4.02 -12.46 7.64
CA GLY A 303 -3.59 -11.80 6.42
C GLY A 303 -2.18 -11.28 6.57
N ALA A 304 -1.85 -10.31 5.72
CA ALA A 304 -0.50 -9.75 5.69
C ALA A 304 -0.41 -8.50 6.56
N LEU A 305 0.78 -8.29 7.11
CA LEU A 305 1.12 -7.06 7.81
C LEU A 305 2.10 -6.27 6.97
N THR A 306 1.89 -4.96 6.86
CA THR A 306 2.65 -4.15 5.94
C THR A 306 3.91 -3.59 6.60
N LEU A 307 4.97 -3.49 5.82
CA LEU A 307 6.18 -2.79 6.22
C LEU A 307 6.70 -2.01 5.02
N GLU A 308 7.20 -0.81 5.27
CA GLU A 308 7.92 -0.03 4.27
C GLU A 308 9.41 -0.15 4.58
N THR A 309 10.14 -0.89 3.74
CA THR A 309 11.58 -0.97 3.88
C THR A 309 12.29 0.20 3.22
N SER A 310 11.54 1.06 2.54
CA SER A 310 12.10 2.25 1.90
C SER A 310 10.96 3.22 1.64
N ARG A 311 11.33 4.49 1.50
CA ARG A 311 10.41 5.53 1.06
C ARG A 311 10.92 6.17 -0.22
N GLY A 312 10.00 6.78 -0.96
CA GLY A 312 10.33 7.40 -2.23
C GLY A 312 10.33 6.40 -3.38
N CYS A 313 10.38 6.95 -4.58
CA CYS A 313 10.40 6.15 -5.80
C CYS A 313 10.76 7.07 -6.96
N ASP A 314 10.56 6.59 -8.18
CA ASP A 314 10.83 7.32 -9.41
C ASP A 314 9.50 7.54 -10.11
N TYR A 315 8.88 8.70 -9.86
CA TYR A 315 7.59 9.01 -10.46
C TYR A 315 7.67 9.25 -11.96
N SER A 316 8.88 9.38 -12.52
CA SER A 316 9.02 9.57 -13.96
C SER A 316 8.71 8.31 -14.75
N ARG A 317 8.43 7.19 -14.08
CA ARG A 317 8.10 5.93 -14.76
C ARG A 317 6.63 5.57 -14.66
N CYS A 318 5.78 6.53 -14.27
CA CYS A 318 4.33 6.30 -14.21
CA CYS A 318 4.34 6.31 -14.21
C CYS A 318 3.65 7.65 -14.42
N THR A 319 3.09 7.86 -15.61
CA THR A 319 2.46 9.14 -15.91
C THR A 319 1.07 9.27 -15.32
N PHE A 320 0.46 8.18 -14.85
CA PHE A 320 -0.86 8.24 -14.22
C PHE A 320 -0.77 8.18 -12.70
N CYS A 321 0.43 8.31 -12.14
CA CYS A 321 0.61 8.33 -10.69
CA CYS A 321 0.61 8.33 -10.69
C CYS A 321 0.70 9.78 -10.22
N PRO A 322 -0.20 10.23 -9.34
CA PRO A 322 -0.13 11.62 -8.87
C PRO A 322 1.17 11.91 -8.14
N ARG A 323 1.60 13.16 -8.19
CA ARG A 323 2.86 13.54 -7.57
C ARG A 323 2.78 14.96 -7.05
N ASP A 324 3.61 15.24 -6.05
CA ASP A 324 3.79 16.57 -5.51
C ASP A 324 4.84 17.32 -6.34
N HIS A 325 4.88 18.64 -6.15
CA HIS A 325 5.89 19.43 -6.83
C HIS A 325 7.30 19.16 -6.29
N LYS A 326 7.41 18.67 -5.07
CA LYS A 326 8.71 18.39 -4.46
C LYS A 326 9.12 16.95 -4.78
N LEU A 327 10.37 16.78 -5.19
CA LEU A 327 10.89 15.45 -5.49
C LEU A 327 11.16 14.69 -4.20
N ARG A 328 10.79 13.41 -4.19
CA ARG A 328 10.88 12.55 -3.01
C ARG A 328 11.88 11.44 -3.29
N SER A 329 13.11 11.63 -2.80
CA SER A 329 14.19 10.70 -3.09
C SER A 329 13.92 9.32 -2.50
N TRP A 330 14.58 8.31 -3.09
CA TRP A 330 14.45 6.94 -2.62
C TRP A 330 15.39 6.72 -1.43
N ARG A 331 14.82 6.37 -0.28
CA ARG A 331 15.57 6.22 0.96
C ARG A 331 15.29 4.85 1.58
N PRO A 332 16.22 3.90 1.44
CA PRO A 332 16.02 2.58 2.02
C PRO A 332 16.57 2.47 3.44
N LEU A 333 15.95 1.55 4.19
CA LEU A 333 16.54 1.13 5.46
C LEU A 333 17.79 0.29 5.18
N SER A 334 18.70 0.28 6.15
CA SER A 334 19.83 -0.62 6.06
C SER A 334 19.35 -2.08 6.11
N VAL A 335 20.23 -2.99 5.72
CA VAL A 335 19.92 -4.41 5.82
C VAL A 335 19.59 -4.78 7.26
N GLU A 336 20.44 -4.35 8.19
CA GLU A 336 20.27 -4.74 9.59
C GLU A 336 18.99 -4.14 10.18
N GLN A 337 18.68 -2.89 9.85
CA GLN A 337 17.48 -2.27 10.38
C GLN A 337 16.21 -2.82 9.73
N THR A 338 16.29 -3.19 8.45
CA THR A 338 15.17 -3.86 7.81
C THR A 338 14.86 -5.19 8.51
N LEU A 339 15.90 -5.97 8.82
CA LEU A 339 15.69 -7.25 9.48
C LEU A 339 15.19 -7.06 10.91
N LYS A 340 15.66 -6.01 11.59
CA LYS A 340 15.17 -5.72 12.93
C LYS A 340 13.68 -5.41 12.92
N GLN A 341 13.24 -4.57 11.99
CA GLN A 341 11.83 -4.21 11.94
C GLN A 341 10.97 -5.40 11.52
N LEU A 342 11.46 -6.22 10.59
CA LEU A 342 10.74 -7.43 10.20
C LEU A 342 10.56 -8.36 11.40
N ASP A 343 11.65 -8.59 12.15
CA ASP A 343 11.57 -9.46 13.31
C ASP A 343 10.61 -8.91 14.37
N ASP A 344 10.57 -7.59 14.53
CA ASP A 344 9.61 -6.98 15.45
C ASP A 344 8.19 -7.31 15.04
N ILE A 345 7.86 -7.11 13.76
CA ILE A 345 6.50 -7.31 13.28
C ILE A 345 6.13 -8.79 13.29
N LEU A 346 7.06 -9.66 12.88
CA LEU A 346 6.78 -11.09 12.88
C LEU A 346 6.58 -11.61 14.29
N ARG A 347 7.42 -11.19 15.24
CA ARG A 347 7.27 -11.65 16.61
C ARG A 347 5.96 -11.17 17.21
N ALA A 348 5.57 -9.93 16.90
CA ALA A 348 4.30 -9.41 17.41
C ALA A 348 3.12 -10.10 16.74
N GLY A 349 3.24 -10.41 15.44
CA GLY A 349 2.19 -11.15 14.78
C GLY A 349 2.04 -12.55 15.31
N LYS A 350 3.14 -13.19 15.72
CA LYS A 350 3.08 -14.53 16.27
C LYS A 350 2.35 -14.55 17.61
N HIS A 351 2.48 -13.48 18.41
CA HIS A 351 1.80 -13.41 19.68
C HIS A 351 0.28 -13.48 19.51
N PHE A 352 -0.25 -12.97 18.40
CA PHE A 352 -1.68 -12.98 18.13
C PHE A 352 -2.08 -14.07 17.13
N ASN A 353 -1.23 -15.07 16.93
CA ASN A 353 -1.48 -16.18 16.01
C ASN A 353 -1.67 -15.71 14.57
N ILE A 354 -1.12 -14.56 14.21
CA ILE A 354 -1.09 -14.12 12.82
C ILE A 354 0.06 -14.84 12.13
N LYS A 355 -0.26 -15.55 11.05
CA LYS A 355 0.76 -16.34 10.37
C LYS A 355 1.77 -15.41 9.69
N PRO A 356 3.05 -15.77 9.68
CA PRO A 356 4.08 -14.85 9.16
C PRO A 356 3.90 -14.53 7.68
N HIS A 357 3.27 -13.40 7.40
CA HIS A 357 3.10 -12.92 6.03
C HIS A 357 3.26 -11.41 6.03
N ILE A 358 4.30 -10.93 5.36
CA ILE A 358 4.61 -9.50 5.30
C ILE A 358 4.25 -8.99 3.92
N TYR A 359 3.64 -7.82 3.87
CA TYR A 359 3.38 -7.10 2.62
C TYR A 359 4.32 -5.91 2.57
N ALA A 361 5.05 -2.67 1.56
CA ALA A 361 4.27 -1.54 1.04
C ALA A 361 5.12 -0.50 0.32
N ASP A 362 6.39 -0.80 0.04
CA ASP A 362 7.27 0.17 -0.61
C ASP A 362 6.71 0.61 -1.95
N GLU A 363 6.81 1.92 -2.23
CA GLU A 363 6.55 2.40 -3.58
C GLU A 363 7.60 1.88 -4.56
N GLU A 364 8.85 1.76 -4.10
CA GLU A 364 9.94 1.22 -4.90
C GLU A 364 10.75 0.31 -3.97
N PHE A 365 10.54 -1.00 -4.11
CA PHE A 365 11.15 -1.96 -3.19
C PHE A 365 12.61 -2.23 -3.53
N ILE A 366 12.90 -2.53 -4.80
CA ILE A 366 14.26 -2.88 -5.20
C ILE A 366 15.13 -1.63 -5.25
N GLY A 367 14.69 -0.61 -5.96
CA GLY A 367 15.39 0.66 -5.98
C GLY A 367 16.65 0.64 -6.81
N GLU A 368 17.55 1.57 -6.48
CA GLU A 368 18.82 1.73 -7.18
C GLU A 368 19.80 2.47 -6.28
N LEU A 369 21.00 1.93 -6.11
CA LEU A 369 22.02 2.49 -5.24
C LEU A 369 23.27 2.80 -6.04
N PRO A 370 24.27 3.47 -5.46
CA PRO A 370 25.55 3.61 -6.16
C PRO A 370 26.24 2.28 -6.33
N ASN A 371 26.84 2.08 -7.51
CA ASN A 371 27.56 0.87 -7.89
C ASN A 371 26.63 -0.35 -8.00
N GLY A 372 25.34 -0.12 -8.24
CA GLY A 372 24.43 -1.23 -8.45
C GLY A 372 24.24 -2.14 -7.24
N THR A 373 24.52 -1.64 -6.05
CA THR A 373 24.44 -2.44 -4.83
C THR A 373 23.02 -2.63 -4.32
N GLU A 374 21.99 -2.17 -5.06
CA GLU A 374 20.62 -2.36 -4.58
C GLU A 374 20.25 -3.84 -4.57
N ALA A 375 20.73 -4.60 -5.56
CA ALA A 375 20.46 -6.03 -5.59
C ALA A 375 21.11 -6.73 -4.41
N GLN A 376 22.30 -6.27 -4.02
CA GLN A 376 22.98 -6.88 -2.88
C GLN A 376 22.24 -6.60 -1.58
N ARG A 377 21.60 -5.44 -1.47
CA ARG A 377 20.77 -5.18 -0.29
C ARG A 377 19.63 -6.18 -0.20
N ILE A 378 18.93 -6.41 -1.33
CA ILE A 378 17.82 -7.35 -1.33
C ILE A 378 18.32 -8.76 -1.03
N ILE A 379 19.44 -9.15 -1.64
CA ILE A 379 20.02 -10.47 -1.38
C ILE A 379 20.36 -10.61 0.10
N ASP A 380 20.99 -9.59 0.68
CA ASP A 380 21.37 -9.65 2.08
C ASP A 380 20.15 -9.74 3.00
N ILE A 381 19.08 -9.01 2.66
CA ILE A 381 17.84 -9.13 3.42
C ILE A 381 17.29 -10.55 3.30
N CYS A 382 17.37 -11.13 2.10
CA CYS A 382 16.88 -12.49 1.90
C CYS A 382 17.71 -13.50 2.67
N GLU A 383 19.04 -13.34 2.68
CA GLU A 383 19.88 -14.22 3.49
C GLU A 383 19.54 -14.09 4.97
N GLY A 384 19.19 -12.89 5.42
CA GLY A 384 18.76 -12.72 6.80
C GLY A 384 17.49 -13.49 7.09
N LEU A 385 16.55 -13.50 6.15
CA LEU A 385 15.30 -14.22 6.36
C LEU A 385 15.52 -15.72 6.33
N LEU A 386 16.46 -16.19 5.51
CA LEU A 386 16.76 -17.62 5.44
C LEU A 386 17.40 -18.14 6.72
N LYS A 387 17.99 -17.27 7.53
CA LYS A 387 18.61 -17.69 8.79
C LYS A 387 17.62 -17.79 9.93
N ARG A 388 16.36 -17.40 9.73
CA ARG A 388 15.36 -17.53 10.77
C ARG A 388 14.87 -18.97 10.86
N GLU A 389 14.31 -19.32 12.03
CA GLU A 389 13.82 -20.67 12.23
C GLU A 389 12.54 -20.93 11.45
N GLU A 390 11.60 -19.98 11.50
CA GLU A 390 10.32 -20.11 10.82
C GLU A 390 10.32 -19.32 9.53
N LYS A 391 9.92 -19.97 8.44
CA LYS A 391 9.87 -19.31 7.14
C LYS A 391 8.65 -18.42 7.04
N ILE A 392 8.72 -17.43 6.14
CA ILE A 392 7.67 -16.46 5.96
C ILE A 392 7.26 -16.40 4.50
N LYS A 393 6.09 -15.83 4.27
CA LYS A 393 5.68 -15.34 2.96
C LYS A 393 5.82 -13.83 2.95
N PHE A 394 6.22 -13.27 1.81
CA PHE A 394 6.18 -11.82 1.68
C PHE A 394 5.85 -11.43 0.25
N ASP A 395 5.01 -10.41 0.13
CA ASP A 395 4.58 -9.84 -1.14
C ASP A 395 5.26 -8.50 -1.34
N PHE A 396 5.38 -8.10 -2.61
CA PHE A 396 5.82 -6.75 -2.95
C PHE A 396 5.47 -6.49 -4.41
N ALA A 397 5.77 -5.27 -4.86
CA ALA A 397 5.51 -4.84 -6.22
C ALA A 397 6.83 -4.45 -6.89
N ALA A 398 6.84 -4.51 -8.22
CA ALA A 398 8.08 -4.25 -8.94
C ALA A 398 7.77 -3.82 -10.37
N ARG A 399 8.66 -3.00 -10.93
CA ARG A 399 8.60 -2.67 -12.34
C ARG A 399 9.19 -3.79 -13.18
N ALA A 400 8.73 -3.87 -14.43
CA ALA A 400 9.21 -4.91 -15.33
C ALA A 400 10.72 -4.79 -15.57
N ASP A 401 11.24 -3.56 -15.64
CA ASP A 401 12.67 -3.37 -15.84
C ASP A 401 13.48 -3.57 -14.57
N SER A 402 12.82 -3.89 -13.45
CA SER A 402 13.52 -4.37 -12.27
C SER A 402 13.85 -5.85 -12.36
N VAL A 403 13.30 -6.54 -13.36
CA VAL A 403 13.60 -7.94 -13.63
C VAL A 403 14.56 -8.09 -14.79
N TYR A 404 14.30 -7.36 -15.87
CA TYR A 404 15.04 -7.51 -17.12
C TYR A 404 15.12 -6.16 -17.80
N GLU A 405 16.33 -5.74 -18.16
CA GLU A 405 16.55 -4.45 -18.83
C GLU A 405 17.63 -4.65 -19.89
N PRO A 406 17.24 -4.69 -21.17
CA PRO A 406 18.24 -4.90 -22.24
C PRO A 406 19.25 -3.78 -22.36
N LYS A 407 18.94 -2.58 -21.86
CA LYS A 407 19.89 -1.48 -21.90
C LYS A 407 21.02 -1.64 -20.89
N ARG A 408 20.92 -2.60 -19.98
CA ARG A 408 21.97 -2.90 -19.02
C ARG A 408 22.81 -4.07 -19.52
N THR A 409 23.99 -4.23 -18.90
CA THR A 409 24.88 -5.31 -19.27
C THR A 409 24.24 -6.66 -18.95
N LYS A 410 24.70 -7.69 -19.67
CA LYS A 410 24.24 -9.05 -19.39
C LYS A 410 24.58 -9.46 -17.97
N GLU A 411 25.72 -9.01 -17.45
CA GLU A 411 26.10 -9.31 -16.07
C GLU A 411 25.10 -8.69 -15.10
N TRP A 412 24.63 -7.47 -15.39
CA TRP A 412 23.65 -6.82 -14.53
C TRP A 412 22.36 -7.63 -14.47
N ASN A 413 21.89 -8.14 -15.61
CA ASN A 413 20.65 -8.90 -15.63
C ASN A 413 20.79 -10.22 -14.90
N VAL A 414 21.93 -10.90 -15.06
CA VAL A 414 22.11 -12.19 -14.38
C VAL A 414 22.16 -12.00 -12.88
N GLU A 415 22.78 -10.90 -12.42
CA GLU A 415 22.75 -10.59 -10.99
C GLU A 415 21.33 -10.30 -10.51
N ARG A 416 20.50 -9.69 -11.37
CA ARG A 416 19.11 -9.48 -11.01
C ARG A 416 18.36 -10.80 -10.90
N LEU A 417 18.62 -11.73 -11.83
CA LEU A 417 17.98 -13.04 -11.74
C LEU A 417 18.35 -13.74 -10.43
N LYS A 418 19.63 -13.66 -10.03
CA LYS A 418 20.04 -14.20 -8.75
C LYS A 418 19.28 -13.53 -7.59
N TRP A 420 16.30 -12.11 -7.62
CA TRP A 420 14.92 -12.58 -7.60
C TRP A 420 14.85 -14.02 -7.08
N HIS A 421 15.84 -14.84 -7.40
CA HIS A 421 15.87 -16.20 -6.87
C HIS A 421 15.96 -16.19 -5.35
N TYR A 422 16.79 -15.32 -4.78
CA TYR A 422 16.88 -15.22 -3.33
C TYR A 422 15.55 -14.77 -2.73
N CYS A 423 14.84 -13.87 -3.42
CA CYS A 423 13.51 -13.49 -2.98
C CYS A 423 12.58 -14.71 -2.94
N ALA A 424 12.61 -15.52 -4.00
CA ALA A 424 11.81 -16.74 -4.01
C ALA A 424 12.20 -17.66 -2.87
N LEU A 425 13.51 -17.83 -2.64
CA LEU A 425 13.97 -18.66 -1.54
C LEU A 425 13.51 -18.12 -0.19
N ALA A 426 13.53 -16.79 -0.03
CA ALA A 426 13.17 -16.18 1.24
C ALA A 426 11.67 -16.16 1.49
N GLY A 427 10.87 -16.52 0.50
CA GLY A 427 9.44 -16.66 0.72
C GLY A 427 8.57 -15.73 -0.10
N ALA A 428 9.12 -15.14 -1.17
CA ALA A 428 8.34 -14.26 -2.03
C ALA A 428 7.13 -15.01 -2.57
N ASP A 429 5.93 -14.47 -2.33
CA ASP A 429 4.69 -15.15 -2.63
C ASP A 429 4.00 -14.42 -3.77
N ARG A 430 3.01 -13.58 -3.52
CA ARG A 430 2.28 -12.88 -4.57
C ARG A 430 3.02 -11.59 -4.90
N ILE A 431 3.46 -11.47 -6.15
CA ILE A 431 4.20 -10.29 -6.60
C ILE A 431 3.44 -9.62 -7.74
N PHE A 432 3.36 -8.30 -7.66
CA PHE A 432 2.71 -7.48 -8.68
C PHE A 432 3.77 -6.85 -9.57
N ILE A 433 3.67 -7.07 -10.88
CA ILE A 433 4.53 -6.44 -11.87
C ILE A 433 3.70 -5.41 -12.61
N GLY A 434 4.21 -4.19 -12.70
CA GLY A 434 3.50 -3.12 -13.38
C GLY A 434 3.70 -3.10 -14.88
N VAL A 435 3.16 -4.09 -15.58
CA VAL A 435 3.27 -4.13 -17.03
C VAL A 435 2.48 -2.98 -17.66
N GLU A 436 1.21 -2.84 -17.29
CA GLU A 436 0.33 -1.74 -17.67
C GLU A 436 -0.05 -1.76 -19.15
N SER A 437 0.86 -2.18 -20.02
CA SER A 437 0.55 -2.19 -21.45
C SER A 437 1.42 -3.22 -22.16
N GLY A 438 0.98 -3.59 -23.35
CA GLY A 438 1.76 -4.45 -24.23
C GLY A 438 2.03 -3.78 -25.57
N SER A 439 1.76 -2.47 -25.63
CA SER A 439 1.96 -1.68 -26.83
C SER A 439 3.04 -0.64 -26.55
N ASN A 440 4.09 -0.64 -27.37
CA ASN A 440 5.22 0.25 -27.11
C ASN A 440 4.82 1.72 -27.13
N GLN A 441 3.86 2.09 -27.99
CA GLN A 441 3.35 3.45 -27.96
C GLN A 441 2.63 3.74 -26.65
N GLN A 442 1.70 2.88 -26.27
CA GLN A 442 0.97 3.07 -25.02
C GLN A 442 1.89 3.02 -23.82
N LEU A 443 2.94 2.20 -23.88
CA LEU A 443 3.92 2.17 -22.80
C LEU A 443 4.62 3.52 -22.65
N LYS A 444 4.85 4.22 -23.77
CA LYS A 444 5.47 5.54 -23.69
C LYS A 444 4.49 6.56 -23.12
N ARG A 445 3.24 6.54 -23.57
CA ARG A 445 2.23 7.40 -22.97
C ARG A 445 2.07 7.13 -21.48
N TYR A 446 2.28 5.88 -21.06
CA TYR A 446 2.25 5.54 -19.64
C TYR A 446 3.55 5.87 -18.93
N GLY A 447 4.63 6.10 -19.68
CA GLY A 447 5.90 6.49 -19.09
C GLY A 447 6.74 5.35 -18.54
N LYS A 448 6.37 4.10 -18.85
CA LYS A 448 7.06 2.95 -18.26
C LYS A 448 8.49 2.81 -18.75
N GLY A 449 8.86 3.43 -19.85
CA GLY A 449 10.21 3.29 -20.38
C GLY A 449 10.57 1.86 -20.71
N THR A 450 9.61 1.08 -21.19
CA THR A 450 9.77 -0.35 -21.35
C THR A 450 9.14 -0.78 -22.67
N THR A 451 9.51 -1.97 -23.14
CA THR A 451 9.01 -2.52 -24.39
C THR A 451 8.12 -3.72 -24.13
N SER A 452 7.30 -4.05 -25.12
CA SER A 452 6.39 -5.19 -25.00
C SER A 452 7.15 -6.50 -24.79
N GLU A 453 8.20 -6.72 -25.58
CA GLU A 453 8.97 -7.94 -25.45
C GLU A 453 9.70 -7.99 -24.11
N GLN A 454 10.19 -6.84 -23.64
CA GLN A 454 10.83 -6.79 -22.33
C GLN A 454 9.86 -7.21 -21.23
N ASN A 455 8.58 -6.81 -21.33
CA ASN A 455 7.59 -7.24 -20.37
C ASN A 455 7.41 -8.76 -20.39
N ILE A 456 7.36 -9.34 -21.59
CA ILE A 456 7.21 -10.79 -21.71
C ILE A 456 8.35 -11.51 -21.03
N ILE A 457 9.58 -11.05 -21.27
CA ILE A 457 10.76 -11.72 -20.68
C ILE A 457 10.76 -11.55 -19.16
N ALA A 458 10.36 -10.37 -18.67
CA ALA A 458 10.28 -10.16 -17.23
C ALA A 458 9.31 -11.13 -16.58
N LEU A 459 8.15 -11.34 -17.21
CA LEU A 459 7.21 -12.34 -16.71
C LEU A 459 7.79 -13.75 -16.79
N ARG A 460 8.63 -14.00 -17.79
CA ARG A 460 9.20 -15.33 -17.97
C ARG A 460 10.20 -15.65 -16.87
N LEU A 461 11.02 -14.67 -16.49
CA LEU A 461 12.04 -14.91 -15.48
C LEU A 461 11.42 -15.08 -14.10
N VAL A 462 10.46 -14.23 -13.73
CA VAL A 462 9.89 -14.28 -12.39
C VAL A 462 9.07 -15.55 -12.20
N SER A 463 8.21 -15.87 -13.17
CA SER A 463 7.36 -17.06 -13.03
C SER A 463 8.20 -18.32 -12.94
N ALA A 464 9.30 -18.40 -13.69
CA ALA A 464 10.16 -19.58 -13.65
C ALA A 464 10.72 -19.84 -12.26
N LEU A 465 10.78 -18.82 -11.41
CA LEU A 465 11.28 -18.95 -10.06
C LEU A 465 10.20 -19.36 -9.07
N GLY A 466 9.00 -19.71 -9.54
CA GLY A 466 7.94 -20.18 -8.68
C GLY A 466 7.15 -19.09 -7.99
N ILE A 467 7.26 -17.85 -8.44
CA ILE A 467 6.61 -16.72 -7.79
C ILE A 467 5.21 -16.55 -8.36
N ASN A 468 4.21 -16.46 -7.47
CA ASN A 468 2.84 -16.23 -7.89
C ASN A 468 2.69 -14.80 -8.40
N LEU A 469 2.33 -14.66 -9.67
CA LEU A 469 2.48 -13.41 -10.40
C LEU A 469 1.13 -12.86 -10.83
N ARG A 470 1.00 -11.53 -10.74
CA ARG A 470 -0.14 -10.83 -11.32
C ARG A 470 0.34 -9.49 -11.84
N ILE A 471 -0.34 -8.98 -12.86
CA ILE A 471 0.07 -7.73 -13.50
C ILE A 471 -1.10 -6.76 -13.54
N GLY A 472 -0.77 -5.48 -13.53
CA GLY A 472 -1.73 -4.45 -13.87
C GLY A 472 -1.70 -4.19 -15.37
N PHE A 473 -2.86 -3.90 -15.93
CA PHE A 473 -2.97 -3.71 -17.37
C PHE A 473 -4.09 -2.72 -17.65
N ILE A 474 -3.75 -1.59 -18.26
CA ILE A 474 -4.72 -0.56 -18.59
C ILE A 474 -4.94 -0.63 -20.10
N PHE A 476 -7.55 0.53 -22.20
CA PHE A 476 -8.01 1.74 -22.87
C PHE A 476 -7.45 2.97 -22.16
N ASP A 477 -6.92 3.91 -22.94
CA ASP A 477 -6.56 5.22 -22.41
C ASP A 477 -7.04 6.29 -23.38
N GLN A 478 -7.34 7.47 -22.86
CA GLN A 478 -8.11 8.46 -23.60
C GLN A 478 -7.33 9.07 -24.76
N LEU A 479 -6.00 9.12 -24.68
CA LEU A 479 -5.20 9.73 -25.73
C LEU A 479 -4.87 8.78 -26.86
N LYS A 481 -5.19 6.89 -30.30
CA LYS A 481 -5.80 7.17 -31.59
C LYS A 481 -5.69 5.93 -32.46
N GLY A 482 -6.82 5.43 -32.92
CA GLY A 482 -6.84 4.22 -33.72
C GLY A 482 -6.89 2.96 -32.88
N LEU A 483 -6.84 1.83 -33.59
CA LEU A 483 -6.96 0.52 -32.97
C LEU A 483 -5.63 -0.25 -32.93
N ASP A 484 -4.54 0.38 -33.36
CA ASP A 484 -3.27 -0.34 -33.41
C ASP A 484 -2.82 -0.78 -32.03
N ASN A 485 -2.91 0.12 -31.05
CA ASN A 485 -2.47 -0.22 -29.69
C ASN A 485 -3.34 -1.32 -29.09
N LEU A 486 -4.63 -1.35 -29.41
CA LEU A 486 -5.50 -2.42 -28.91
C LEU A 486 -5.08 -3.77 -29.48
N LYS A 487 -4.74 -3.81 -30.77
CA LYS A 487 -4.31 -5.07 -31.37
C LYS A 487 -2.98 -5.53 -30.82
N GLU A 488 -2.07 -4.59 -30.53
CA GLU A 488 -0.81 -4.94 -29.91
C GLU A 488 -1.01 -5.52 -28.52
N ASN A 489 -1.97 -4.96 -27.77
CA ASN A 489 -2.25 -5.46 -26.42
C ASN A 489 -2.85 -6.86 -26.48
N LEU A 490 -3.81 -7.08 -27.39
CA LEU A 490 -4.42 -8.40 -27.51
C LEU A 490 -3.39 -9.47 -27.86
N ASP A 491 -2.50 -9.16 -28.81
CA ASP A 491 -1.44 -10.11 -29.15
C ASP A 491 -0.52 -10.36 -27.96
N PHE A 492 -0.21 -9.29 -27.21
CA PHE A 492 0.60 -9.45 -26.01
C PHE A 492 -0.10 -10.35 -24.99
N LEU A 493 -1.38 -10.07 -24.72
CA LEU A 493 -2.12 -10.80 -23.70
C LEU A 493 -2.39 -12.25 -24.09
N GLU A 494 -2.33 -12.58 -25.36
CA GLU A 494 -2.60 -13.94 -25.82
C GLU A 494 -1.35 -14.81 -25.88
N ARG A 495 -0.17 -14.24 -25.68
CA ARG A 495 1.06 -15.01 -25.78
C ARG A 495 1.15 -16.06 -24.68
N THR A 496 1.54 -17.28 -25.06
CA THR A 496 1.65 -18.39 -24.13
C THR A 496 3.10 -18.74 -23.83
N ASP A 497 4.05 -17.95 -24.31
CA ASP A 497 5.48 -18.17 -24.05
C ASP A 497 6.02 -17.25 -22.98
N ALA A 498 5.18 -16.81 -22.04
CA ALA A 498 5.58 -15.93 -20.97
C ALA A 498 5.51 -16.59 -19.60
N LEU A 499 4.39 -17.25 -19.28
CA LEU A 499 4.21 -17.85 -17.96
C LEU A 499 4.89 -19.21 -17.92
N LYS A 501 6.35 -22.66 -15.80
CA LYS A 501 6.21 -23.48 -14.60
C LYS A 501 7.40 -23.21 -13.69
N PRO A 502 7.25 -23.42 -12.38
CA PRO A 502 8.42 -23.38 -11.49
C PRO A 502 9.47 -24.39 -11.94
N ILE A 503 10.65 -23.89 -12.29
CA ILE A 503 11.70 -24.68 -12.89
C ILE A 503 12.70 -25.09 -11.81
N ASP A 504 13.00 -26.38 -11.74
CA ASP A 504 14.08 -26.87 -10.90
C ASP A 504 15.41 -26.46 -11.52
N ILE A 505 16.14 -25.57 -10.83
CA ILE A 505 17.38 -25.02 -11.35
C ILE A 505 18.57 -25.39 -10.47
N GLY A 506 18.45 -26.46 -9.68
CA GLY A 506 19.51 -26.81 -8.75
C GLY A 506 20.82 -27.17 -9.43
N ASP A 507 20.77 -27.61 -10.68
CA ASP A 507 21.95 -28.06 -11.41
C ASP A 507 22.51 -27.01 -12.36
N THR A 509 23.64 -22.86 -13.56
CA THR A 509 24.09 -21.55 -13.12
C THR A 509 23.06 -20.50 -13.48
N TYR A 510 23.16 -19.34 -12.83
CA TYR A 510 22.22 -18.26 -13.14
C TYR A 510 22.37 -17.81 -14.59
N GLU A 511 23.60 -17.80 -15.11
CA GLU A 511 23.81 -17.42 -16.50
C GLU A 511 23.20 -18.43 -17.46
N GLU A 512 23.28 -19.73 -17.12
CA GLU A 512 22.63 -20.75 -17.94
C GLU A 512 21.12 -20.54 -17.98
N LEU A 513 20.51 -20.40 -16.79
CA LEU A 513 19.06 -20.17 -16.73
C LEU A 513 18.67 -18.89 -17.45
N TYR A 514 19.49 -17.86 -17.35
CA TYR A 514 19.19 -16.59 -18.01
C TYR A 514 19.19 -16.77 -19.53
N ASP A 515 20.27 -17.34 -20.08
CA ASP A 515 20.38 -17.49 -21.53
C ASP A 515 19.32 -18.45 -22.06
N LYS A 516 19.04 -19.54 -21.35
CA LYS A 516 18.05 -20.49 -21.82
C LYS A 516 16.65 -19.89 -21.85
N LEU A 517 16.32 -19.09 -20.84
CA LEU A 517 15.00 -18.47 -20.79
C LEU A 517 14.82 -17.39 -21.85
N LEU A 518 15.91 -16.80 -22.34
CA LEU A 518 15.79 -15.75 -23.34
C LEU A 518 16.01 -16.22 -24.77
N ASN A 519 16.72 -17.34 -24.97
CA ASN A 519 17.15 -17.73 -26.32
C ASN A 519 16.81 -19.16 -26.71
N ASP A 520 16.59 -20.07 -25.77
CA ASP A 520 16.35 -21.47 -26.09
C ASP A 520 14.86 -21.70 -26.23
N LYS A 521 14.37 -21.71 -27.48
CA LYS A 521 12.95 -21.93 -27.71
C LYS A 521 12.50 -23.31 -27.23
N GLU A 522 13.39 -24.30 -27.27
CA GLU A 522 13.04 -25.62 -26.79
C GLU A 522 12.91 -25.64 -25.26
N PHE A 523 13.80 -24.91 -24.58
CA PHE A 523 13.70 -24.80 -23.12
C PHE A 523 12.42 -24.07 -22.73
N ILE A 524 12.05 -23.05 -23.49
CA ILE A 524 10.85 -22.27 -23.18
C ILE A 524 9.60 -23.10 -23.38
N GLU A 525 9.54 -23.86 -24.49
CA GLU A 525 8.38 -24.70 -24.75
C GLU A 525 8.24 -25.80 -23.70
N LYS A 526 9.36 -26.32 -23.20
CA LYS A 526 9.30 -27.44 -22.27
C LYS A 526 8.71 -27.02 -20.92
N HIS A 527 9.00 -25.81 -20.47
CA HIS A 527 8.64 -25.39 -19.12
C HIS A 527 7.46 -24.43 -19.07
N LYS A 528 6.83 -24.12 -20.20
CA LYS A 528 5.71 -23.20 -20.18
C LYS A 528 4.48 -23.85 -19.54
N THR A 529 3.64 -23.02 -18.94
CA THR A 529 2.37 -23.48 -18.40
C THR A 529 1.29 -23.63 -19.46
N GLY A 530 1.51 -23.08 -20.65
CA GLY A 530 0.50 -23.05 -21.69
C GLY A 530 -0.58 -22.02 -21.49
N LYS A 531 -0.50 -21.20 -20.45
CA LYS A 531 -1.61 -20.27 -20.27
C LYS A 531 -1.23 -18.88 -20.77
N PRO A 532 -2.18 -18.18 -21.39
CA PRO A 532 -1.89 -16.84 -21.92
C PRO A 532 -1.70 -15.81 -20.81
N VAL A 533 -1.08 -14.70 -21.20
CA VAL A 533 -0.71 -13.66 -20.24
C VAL A 533 -1.93 -13.10 -19.53
N TYR A 534 -3.05 -12.95 -20.25
CA TYR A 534 -4.22 -12.30 -19.65
C TYR A 534 -4.78 -13.07 -18.47
N THR A 535 -4.35 -14.30 -18.24
CA THR A 535 -4.81 -15.08 -17.08
C THR A 535 -4.36 -14.48 -15.76
N ILE A 536 -3.34 -13.62 -15.76
CA ILE A 536 -2.81 -13.05 -14.53
C ILE A 536 -3.06 -11.53 -14.47
N VAL A 537 -3.97 -11.03 -15.29
CA VAL A 537 -4.33 -9.61 -15.25
C VAL A 537 -5.24 -9.37 -14.06
N SER A 538 -4.91 -8.36 -13.24
CA SER A 538 -5.70 -8.06 -12.05
C SER A 538 -7.13 -7.69 -12.41
N TYR A 539 -7.29 -6.72 -13.31
CA TYR A 539 -8.61 -6.23 -13.69
C TYR A 539 -8.70 -6.21 -15.21
N LEU A 541 -10.13 -5.56 -19.03
CA LEU A 541 -10.80 -4.51 -19.81
C LEU A 541 -10.81 -3.17 -19.08
N ALA A 542 -9.73 -2.87 -18.39
CA ALA A 542 -9.65 -1.66 -17.58
C ALA A 542 -9.45 -0.44 -18.46
N SER A 543 -10.09 0.66 -18.09
CA SER A 543 -9.94 1.94 -18.76
C SER A 543 -9.23 2.92 -17.84
N GLU A 545 -8.09 5.86 -15.63
CA GLU A 545 -8.71 6.86 -14.77
C GLU A 545 -7.68 7.95 -14.51
N ILE A 546 -7.97 9.16 -14.97
CA ILE A 546 -7.03 10.27 -14.89
C ILE A 546 -7.25 11.01 -13.57
N LEU A 547 -6.18 11.16 -12.79
CA LEU A 547 -6.23 11.83 -11.51
C LEU A 547 -5.57 13.20 -11.60
N ASN A 549 -2.91 16.18 -10.81
CA ASN A 549 -1.47 16.29 -10.64
C ASN A 549 -0.72 15.11 -11.25
N THR A 550 -1.27 14.54 -12.32
CA THR A 550 -0.60 13.49 -13.06
C THR A 550 -0.13 14.02 -14.41
N PRO A 551 1.08 13.65 -14.84
CA PRO A 551 1.54 14.05 -16.17
C PRO A 551 0.57 13.68 -17.27
N TYR A 552 -0.19 12.60 -17.10
CA TYR A 552 -1.18 12.23 -18.10
C TYR A 552 -2.29 13.27 -18.19
N SER A 553 -2.69 13.85 -17.05
CA SER A 553 -3.67 14.92 -17.08
C SER A 553 -3.12 16.14 -17.80
N ARG A 554 -1.84 16.46 -17.57
CA ARG A 554 -1.21 17.56 -18.27
C ARG A 554 -1.16 17.29 -19.77
N VAL A 556 -3.19 15.47 -21.38
CA VAL A 556 -4.57 15.59 -21.86
C VAL A 556 -4.93 17.05 -22.05
N GLN A 557 -4.60 17.90 -21.07
CA GLN A 557 -4.88 19.33 -21.18
C GLN A 557 -4.17 19.94 -22.38
N LEU A 558 -2.95 19.49 -22.66
CA LEU A 558 -2.21 20.01 -23.81
C LEU A 558 -2.83 19.55 -25.12
N THR A 559 -3.37 18.32 -25.16
CA THR A 559 -4.08 17.86 -26.33
C THR A 559 -5.38 18.62 -26.54
N GLU A 560 -6.04 19.03 -25.44
CA GLU A 560 -7.19 19.91 -25.57
C GLU A 560 -6.80 21.26 -26.19
N ARG A 561 -5.59 21.73 -25.91
CA ARG A 561 -5.17 23.04 -26.40
C ARG A 561 -4.78 22.97 -27.88
N LYS A 562 -3.89 22.05 -28.24
CA LYS A 562 -3.37 22.00 -29.60
C LYS A 562 -4.30 21.28 -30.58
N GLU A 563 -5.41 20.74 -30.11
CA GLU A 563 -6.43 20.17 -30.99
C GLU A 563 -7.78 20.83 -30.85
N GLU A 564 -7.93 21.78 -29.92
CA GLU A 564 -9.15 22.56 -29.74
C GLU A 564 -10.36 21.65 -29.57
N VAL A 565 -10.26 20.74 -28.62
CA VAL A 565 -11.32 19.79 -28.31
C VAL A 565 -11.46 19.70 -26.79
N ASN A 566 -12.68 19.47 -26.33
CA ASN A 566 -12.95 19.30 -24.92
C ASN A 566 -12.86 17.82 -24.57
N LEU A 567 -11.92 17.48 -23.70
CA LEU A 567 -11.77 16.11 -23.20
C LEU A 567 -12.14 15.99 -21.73
N ILE A 568 -11.66 16.90 -20.89
CA ILE A 568 -12.01 16.90 -19.47
C ILE A 568 -13.37 17.55 -19.29
N ASN A 570 -17.22 18.18 -16.97
CA ASN A 570 -17.63 18.84 -15.73
C ASN A 570 -16.87 20.14 -15.51
N ASP A 571 -16.63 20.88 -16.61
CA ASP A 571 -15.92 22.15 -16.63
C ASP A 571 -14.50 22.04 -16.07
N GLY A 572 -13.99 20.83 -15.87
CA GLY A 572 -12.71 20.62 -15.23
C GLY A 572 -12.80 20.25 -13.76
N LYS A 573 -13.98 20.36 -13.15
CA LYS A 573 -14.15 19.95 -11.77
C LYS A 573 -13.99 18.44 -11.64
N PRO A 574 -13.01 17.95 -10.89
CA PRO A 574 -12.86 16.49 -10.72
C PRO A 574 -13.71 15.97 -9.58
N ASP A 575 -13.66 14.65 -9.36
CA ASP A 575 -14.33 14.04 -8.23
C ASP A 575 -13.77 14.61 -6.93
N ASN A 577 -14.08 13.51 -3.95
CA ASN A 577 -13.62 12.48 -3.03
C ASN A 577 -12.34 11.80 -3.48
N GLY A 579 -10.44 12.82 -6.62
CA GLY A 579 -9.56 13.64 -7.43
C GLY A 579 -9.45 13.20 -8.88
N ARG A 580 -10.47 12.53 -9.39
CA ARG A 580 -10.44 11.97 -10.74
C ARG A 580 -11.21 12.87 -11.70
N TYR A 581 -10.59 13.17 -12.84
CA TYR A 581 -11.28 13.92 -13.88
C TYR A 581 -12.23 13.00 -14.65
N ALA A 582 -13.31 13.57 -15.14
CA ALA A 582 -14.20 12.89 -16.08
C ALA A 582 -13.76 13.27 -17.48
N THR A 583 -13.09 12.34 -18.16
CA THR A 583 -12.41 12.63 -19.42
C THR A 583 -12.98 11.80 -20.56
N SER A 584 -13.20 12.44 -21.69
CA SER A 584 -13.63 11.76 -22.90
C SER A 584 -12.43 11.30 -23.72
N PHE A 585 -12.63 10.25 -24.51
CA PHE A 585 -11.60 9.76 -25.40
C PHE A 585 -11.47 10.69 -26.61
N VAL A 586 -10.22 11.02 -26.96
CA VAL A 586 -9.98 11.84 -28.14
C VAL A 586 -10.37 11.09 -29.42
N ASP A 587 -10.42 9.76 -29.36
CA ASP A 587 -10.88 8.93 -30.46
C ASP A 587 -12.25 8.39 -30.11
N LYS A 588 -13.27 8.76 -30.89
CA LYS A 588 -14.64 8.42 -30.55
C LYS A 588 -14.85 6.91 -30.56
N THR A 589 -14.21 6.20 -31.49
CA THR A 589 -14.37 4.75 -31.56
C THR A 589 -13.77 4.07 -30.34
N ASN A 590 -12.61 4.56 -29.88
CA ASN A 590 -12.00 3.98 -28.68
C ASN A 590 -12.84 4.26 -27.44
N GLY A 591 -13.45 5.44 -27.36
CA GLY A 591 -14.34 5.73 -26.25
C GLY A 591 -15.57 4.85 -26.25
N ASN A 592 -16.09 4.52 -27.44
CA ASN A 592 -17.23 3.61 -27.53
C ASN A 592 -16.85 2.20 -27.10
N LEU A 593 -15.65 1.75 -27.47
CA LEU A 593 -15.19 0.43 -27.05
C LEU A 593 -15.00 0.36 -25.55
N SER A 594 -14.32 1.35 -24.97
CA SER A 594 -14.14 1.40 -23.52
C SER A 594 -15.48 1.40 -22.79
N GLU A 595 -16.43 2.20 -23.27
CA GLU A 595 -17.75 2.24 -22.67
C GLU A 595 -18.48 0.91 -22.88
N ALA A 596 -18.26 0.26 -24.02
CA ALA A 596 -18.88 -1.04 -24.26
C ALA A 596 -18.36 -2.08 -23.28
N CYS A 597 -17.06 -2.07 -23.02
CA CYS A 597 -16.49 -3.03 -22.07
C CYS A 597 -16.96 -2.77 -20.64
N GLN A 598 -17.19 -1.51 -20.28
CA GLN A 598 -17.69 -1.21 -18.95
C GLN A 598 -19.12 -1.73 -18.78
N TRP A 600 -20.32 -4.29 -20.47
CA TRP A 600 -20.15 -5.73 -20.41
C TRP A 600 -19.86 -6.19 -18.98
N ILE A 601 -18.95 -5.48 -18.29
CA ILE A 601 -18.67 -5.78 -16.90
C ILE A 601 -19.92 -5.60 -16.04
N ASP A 602 -20.63 -4.49 -16.24
CA ASP A 602 -21.84 -4.25 -15.46
C ASP A 602 -22.91 -5.29 -15.75
N SER A 603 -22.99 -5.77 -16.99
CA SER A 603 -24.01 -6.75 -17.34
C SER A 603 -23.73 -8.11 -16.71
N ASN A 604 -22.48 -8.43 -16.39
CA ASN A 604 -22.11 -9.72 -15.82
C ASN A 604 -21.82 -9.66 -14.34
N PHE A 605 -21.91 -8.48 -13.72
CA PHE A 605 -21.44 -8.33 -12.34
C PHE A 605 -22.29 -9.17 -11.38
N GLY A 606 -23.61 -9.18 -11.56
CA GLY A 606 -24.47 -9.89 -10.62
C GLY A 606 -24.14 -11.37 -10.53
N VAL A 607 -24.10 -12.05 -11.68
CA VAL A 607 -23.88 -13.49 -11.68
C VAL A 607 -22.45 -13.80 -11.24
N TYR A 609 -20.24 -12.08 -9.52
CA TYR A 609 -19.95 -11.78 -8.12
C TYR A 609 -20.57 -12.83 -7.20
N THR A 610 -21.75 -13.34 -7.56
CA THR A 610 -22.35 -14.43 -6.79
C THR A 610 -21.51 -15.70 -6.90
N ILE A 611 -20.99 -15.99 -8.09
CA ILE A 611 -20.14 -17.15 -8.28
C ILE A 611 -18.87 -17.02 -7.44
N LYS A 612 -18.26 -15.83 -7.43
CA LYS A 612 -17.03 -15.63 -6.68
C LYS A 612 -17.27 -15.74 -5.17
N SER A 613 -18.37 -15.20 -4.68
CA SER A 613 -18.66 -15.28 -3.26
C SER A 613 -19.02 -16.70 -2.83
N LEU A 614 -19.70 -17.45 -3.70
CA LEU A 614 -19.92 -18.87 -3.41
C LEU A 614 -18.62 -19.64 -3.44
N HIS A 615 -17.70 -19.26 -4.35
CA HIS A 615 -16.42 -19.94 -4.45
C HIS A 615 -15.61 -19.84 -3.16
N LYS A 616 -15.74 -18.72 -2.45
CA LYS A 616 -14.97 -18.53 -1.22
C LYS A 616 -15.37 -19.48 -0.11
N VAL A 617 -16.60 -20.00 -0.15
CA VAL A 617 -17.14 -20.83 0.94
C VAL A 617 -17.40 -22.27 0.50
N ALA A 618 -17.32 -22.58 -0.79
CA ALA A 618 -17.65 -23.91 -1.26
C ALA A 618 -16.63 -24.95 -0.75
N ASN A 619 -17.03 -26.22 -0.85
CA ASN A 619 -16.13 -27.32 -0.55
C ASN A 619 -15.17 -27.52 -1.71
N PRO A 620 -14.08 -28.28 -1.53
CA PRO A 620 -13.06 -28.38 -2.60
C PRO A 620 -13.60 -28.77 -3.96
N ARG A 621 -14.59 -29.67 -4.02
CA ARG A 621 -15.08 -30.13 -5.32
C ARG A 621 -15.86 -29.03 -6.03
N GLU A 622 -16.82 -28.41 -5.35
CA GLU A 622 -17.51 -27.28 -5.94
C GLU A 622 -16.58 -26.10 -6.16
N LYS A 623 -15.54 -25.96 -5.33
CA LYS A 623 -14.57 -24.90 -5.51
C LYS A 623 -13.92 -24.98 -6.90
N LYS A 624 -13.59 -26.20 -7.33
CA LYS A 624 -12.97 -26.35 -8.65
C LYS A 624 -13.96 -26.09 -9.77
N LYS A 625 -15.24 -26.39 -9.55
CA LYS A 625 -16.24 -26.13 -10.59
C LYS A 625 -16.52 -24.63 -10.71
N LEU A 626 -16.71 -23.96 -9.57
CA LEU A 626 -16.95 -22.52 -9.60
C LEU A 626 -15.75 -21.76 -10.16
N TYR A 627 -14.54 -22.28 -9.95
CA TYR A 627 -13.36 -21.61 -10.48
C TYR A 627 -13.26 -21.76 -11.99
N SER A 628 -13.71 -22.89 -12.54
CA SER A 628 -13.73 -23.03 -13.99
C SER A 628 -14.72 -22.06 -14.62
N TYR A 629 -15.81 -21.74 -13.93
CA TYR A 629 -16.73 -20.72 -14.41
C TYR A 629 -16.00 -19.38 -14.57
N GLU A 631 -12.74 -18.84 -14.80
CA GLU A 631 -11.73 -18.93 -15.84
C GLU A 631 -12.35 -18.74 -17.22
N THR A 632 -13.50 -19.37 -17.47
CA THR A 632 -14.18 -19.20 -18.74
C THR A 632 -14.68 -17.77 -18.92
N HIS A 633 -15.17 -17.17 -17.83
CA HIS A 633 -15.64 -15.78 -17.91
C HIS A 633 -14.53 -14.84 -18.32
N ARG A 634 -13.35 -14.98 -17.70
CA ARG A 634 -12.20 -14.18 -18.09
C ARG A 634 -11.85 -14.43 -19.55
N GLU A 635 -11.87 -15.69 -19.96
CA GLU A 635 -11.55 -16.05 -21.35
C GLU A 635 -12.55 -15.42 -22.32
N ILE A 636 -13.84 -15.55 -22.03
CA ILE A 636 -14.87 -14.96 -22.88
C ILE A 636 -14.74 -13.44 -22.89
N SER A 637 -14.39 -12.85 -21.75
CA SER A 637 -14.26 -11.40 -21.67
C SER A 637 -13.08 -10.89 -22.49
N HIS A 638 -11.99 -11.65 -22.55
CA HIS A 638 -10.84 -11.23 -23.34
C HIS A 638 -11.18 -11.20 -24.82
N PHE A 639 -11.68 -12.32 -25.36
CA PHE A 639 -11.94 -12.39 -26.79
C PHE A 639 -13.16 -11.57 -27.21
N LEU A 640 -13.94 -11.07 -26.24
CA LEU A 640 -14.98 -10.10 -26.59
C LEU A 640 -14.37 -8.86 -27.25
N LEU A 641 -13.26 -8.37 -26.69
CA LEU A 641 -12.62 -7.18 -27.26
C LEU A 641 -11.95 -7.50 -28.58
N LYS A 642 -11.33 -8.68 -28.69
CA LYS A 642 -10.77 -9.09 -29.98
C LYS A 642 -11.87 -9.24 -31.02
N TYR A 643 -13.03 -9.75 -30.62
CA TYR A 643 -14.16 -9.87 -31.54
C TYR A 643 -14.69 -8.50 -31.94
N LEU A 644 -14.74 -7.56 -31.00
CA LEU A 644 -15.14 -6.20 -31.33
C LEU A 644 -14.16 -5.56 -32.31
N VAL A 645 -12.87 -5.61 -31.97
CA VAL A 645 -11.85 -5.00 -32.83
C VAL A 645 -11.85 -5.66 -34.20
N TYR A 646 -12.08 -6.98 -34.25
CA TYR A 646 -12.12 -7.67 -35.54
C TYR A 646 -13.27 -7.16 -36.39
N ASN A 647 -14.43 -6.89 -35.78
CA ASN A 647 -15.56 -6.34 -36.53
C ASN A 647 -15.31 -4.91 -36.97
N LEU A 648 -14.39 -4.20 -36.32
CA LEU A 648 -14.05 -2.84 -36.72
C LEU A 648 -12.86 -2.78 -37.66
N SER A 649 -12.03 -3.82 -37.70
CA SER A 649 -10.82 -3.82 -38.51
C SER A 649 -10.33 -5.26 -38.66
N PRO A 650 -10.89 -6.05 -39.57
CA PRO A 650 -10.53 -7.46 -39.66
C PRO A 650 -9.13 -7.66 -40.22
N ASP A 651 -8.50 -8.76 -39.80
CA ASP A 651 -7.23 -9.19 -40.36
C ASP A 651 -7.18 -10.70 -40.37
N LYS A 652 -6.23 -11.24 -41.15
CA LYS A 652 -6.19 -12.68 -41.39
C LYS A 652 -5.99 -13.45 -40.10
N GLU A 653 -5.04 -13.03 -39.26
CA GLU A 653 -4.69 -13.81 -38.08
C GLU A 653 -5.79 -13.75 -37.02
N SER A 654 -6.39 -12.58 -36.82
CA SER A 654 -7.47 -12.46 -35.85
C SER A 654 -8.69 -13.28 -36.29
N GLN A 655 -8.85 -13.49 -37.59
CA GLN A 655 -9.91 -14.37 -38.07
C GLN A 655 -9.64 -15.81 -37.70
N ILE A 656 -8.40 -16.27 -37.85
CA ILE A 656 -8.07 -17.66 -37.53
C ILE A 656 -8.17 -17.91 -36.04
N ILE A 657 -7.74 -16.95 -35.22
CA ILE A 657 -7.77 -17.12 -33.77
C ILE A 657 -9.21 -17.18 -33.28
N LEU A 658 -10.04 -16.23 -33.71
CA LEU A 658 -11.46 -16.24 -33.32
C LEU A 658 -12.17 -17.48 -33.83
N SER A 659 -11.78 -17.98 -35.01
CA SER A 659 -12.39 -19.19 -35.53
C SER A 659 -12.07 -20.40 -34.66
N ASP A 660 -10.80 -20.54 -34.26
CA ASP A 660 -10.44 -21.62 -33.36
C ASP A 660 -11.16 -21.51 -32.02
N PHE A 661 -11.24 -20.29 -31.47
CA PHE A 661 -11.95 -20.08 -30.22
C PHE A 661 -13.41 -20.44 -30.35
N LEU A 662 -14.06 -20.01 -31.44
CA LEU A 662 -15.48 -20.29 -31.63
C LEU A 662 -15.73 -21.79 -31.85
N ARG A 663 -14.80 -22.47 -32.49
CA ARG A 663 -14.96 -23.91 -32.70
C ARG A 663 -14.82 -24.69 -31.39
N HIS A 665 -15.75 -23.77 -28.50
CA HIS A 665 -16.99 -23.61 -27.76
C HIS A 665 -18.22 -24.07 -28.54
N SER A 666 -18.04 -24.72 -29.69
CA SER A 666 -19.14 -25.18 -30.52
C SER A 666 -20.06 -24.03 -30.91
N GLU A 668 -19.45 -21.89 -33.86
CA GLU A 668 -18.79 -21.45 -35.10
C GLU A 668 -19.58 -20.37 -35.82
N HIS A 669 -20.88 -20.28 -35.60
CA HIS A 669 -21.68 -19.19 -36.15
C HIS A 669 -21.30 -17.89 -35.43
N ILE A 670 -22.13 -16.86 -35.59
CA ILE A 670 -21.87 -15.55 -35.01
C ILE A 670 -20.60 -14.93 -35.58
N ILE A 676 -25.70 -6.23 -38.23
CA ILE A 676 -24.34 -6.11 -37.69
C ILE A 676 -23.38 -5.71 -38.82
N ASN A 677 -22.95 -4.46 -38.79
CA ASN A 677 -22.14 -3.88 -39.86
C ASN A 677 -20.65 -4.06 -39.59
N VAL A 678 -19.87 -3.95 -40.65
CA VAL A 678 -18.42 -4.10 -40.60
C VAL A 678 -17.77 -2.73 -40.75
N GLY A 679 -16.77 -2.46 -39.91
CA GLY A 679 -16.08 -1.18 -39.92
C GLY A 679 -16.82 -0.04 -39.27
N ASP A 680 -18.04 -0.27 -38.77
CA ASP A 680 -18.86 0.77 -38.18
C ASP A 680 -18.55 0.86 -36.69
N GLY A 681 -17.86 1.92 -36.29
CA GLY A 681 -17.49 2.11 -34.90
C GLY A 681 -18.48 2.96 -34.13
N SER A 682 -19.74 2.94 -34.53
CA SER A 682 -20.77 3.69 -33.82
C SER A 682 -21.24 2.92 -32.60
N LYS A 683 -21.86 3.64 -31.66
CA LYS A 683 -22.41 2.98 -30.48
C LYS A 683 -23.44 1.94 -30.86
N GLU A 684 -24.21 2.20 -31.93
CA GLU A 684 -25.26 1.28 -32.33
C GLU A 684 -24.69 -0.03 -32.85
N ASN A 685 -23.65 0.03 -33.68
CA ASN A 685 -23.08 -1.20 -34.24
C ASN A 685 -22.30 -1.98 -33.19
N ILE A 686 -21.55 -1.28 -32.33
CA ILE A 686 -20.76 -1.95 -31.30
C ILE A 686 -21.67 -2.74 -30.37
N LEU A 687 -22.83 -2.17 -30.03
CA LEU A 687 -23.79 -2.90 -29.20
C LEU A 687 -24.29 -4.14 -29.92
N ASN A 688 -24.51 -4.06 -31.24
CA ASN A 688 -24.96 -5.22 -31.98
C ASN A 688 -23.90 -6.31 -32.01
N VAL A 689 -22.63 -5.92 -32.08
CA VAL A 689 -21.55 -6.90 -32.07
C VAL A 689 -21.42 -7.53 -30.68
N THR A 691 -23.91 -7.70 -28.30
CA THR A 691 -25.09 -8.54 -28.08
C THR A 691 -24.94 -9.87 -28.79
N ASN A 692 -24.24 -9.89 -29.92
CA ASN A 692 -23.93 -11.15 -30.58
C ASN A 692 -22.98 -12.00 -29.72
N TRP A 693 -21.87 -11.41 -29.27
CA TRP A 693 -20.91 -12.13 -28.45
C TRP A 693 -21.48 -12.52 -27.09
N GLN A 694 -22.52 -11.82 -26.63
CA GLN A 694 -23.17 -12.19 -25.37
C GLN A 694 -23.76 -13.60 -25.42
N LEU A 695 -23.95 -14.16 -26.61
CA LEU A 695 -24.48 -15.51 -26.73
C LEU A 695 -23.50 -16.54 -26.22
N ILE A 696 -22.19 -16.29 -26.36
CA ILE A 696 -21.19 -17.19 -25.80
C ILE A 696 -21.26 -17.18 -24.28
N GLU A 698 -23.86 -16.66 -22.65
CA GLU A 698 -25.07 -17.41 -22.32
C GLU A 698 -24.79 -18.91 -22.23
N LYS A 699 -24.01 -19.44 -23.16
CA LYS A 699 -23.67 -20.86 -23.13
C LYS A 699 -22.97 -21.21 -21.81
N LEU A 700 -22.06 -20.36 -21.35
CA LEU A 700 -21.40 -20.60 -20.07
C LEU A 700 -22.40 -20.62 -18.93
N LEU A 701 -23.28 -19.60 -18.88
CA LEU A 701 -24.25 -19.53 -17.80
C LEU A 701 -25.32 -20.60 -17.91
N ARG A 702 -25.52 -21.19 -19.10
CA ARG A 702 -26.39 -22.35 -19.20
C ARG A 702 -25.76 -23.56 -18.52
N ASP A 703 -24.43 -23.69 -18.62
CA ASP A 703 -23.74 -24.73 -17.86
C ASP A 703 -23.84 -24.49 -16.37
N VAL A 704 -23.72 -23.23 -15.94
CA VAL A 704 -23.88 -22.89 -14.52
C VAL A 704 -25.29 -23.20 -14.07
N GLU A 705 -26.28 -22.80 -14.87
CA GLU A 705 -27.68 -23.09 -14.53
C GLU A 705 -27.93 -24.59 -14.46
N ALA A 706 -27.37 -25.34 -15.41
CA ALA A 706 -27.57 -26.78 -15.42
C ALA A 706 -26.93 -27.44 -14.20
N ASP A 707 -25.72 -27.00 -13.84
CA ASP A 707 -25.05 -27.56 -12.68
C ASP A 707 -25.76 -27.20 -11.38
N LEU A 708 -26.40 -26.02 -11.34
CA LEU A 708 -27.17 -25.65 -10.15
C LEU A 708 -28.42 -26.51 -10.02
N ASN A 709 -29.06 -26.85 -11.14
CA ASN A 709 -30.24 -27.69 -11.10
C ASN A 709 -29.89 -29.16 -10.84
N LYS A 710 -28.75 -29.62 -11.34
CA LYS A 710 -28.30 -30.97 -11.04
C LYS A 710 -27.83 -31.13 -9.59
N GLY A 711 -27.68 -30.04 -8.85
CA GLY A 711 -27.13 -30.10 -7.52
C GLY A 711 -25.62 -30.14 -7.45
N ILE A 712 -24.93 -30.08 -8.59
CA ILE A 712 -23.47 -30.03 -8.59
C ILE A 712 -22.96 -28.79 -7.88
N ILE A 713 -23.69 -27.68 -7.99
CA ILE A 713 -23.36 -26.43 -7.31
C ILE A 713 -24.43 -26.13 -6.28
N THR A 714 -24.00 -25.73 -5.09
CA THR A 714 -24.91 -25.37 -4.00
C THR A 714 -25.12 -23.87 -3.99
N ASP A 715 -26.37 -23.44 -3.92
CA ASP A 715 -26.71 -22.03 -3.86
C ASP A 715 -26.73 -21.55 -2.40
N SER A 716 -26.76 -20.23 -2.24
CA SER A 716 -26.87 -19.64 -0.91
C SER A 716 -28.27 -19.89 -0.35
N GLU A 717 -28.47 -19.46 0.90
CA GLU A 717 -29.78 -19.63 1.53
C GLU A 717 -30.85 -18.84 0.81
N ASP A 718 -30.51 -17.64 0.34
CA ASP A 718 -31.46 -16.75 -0.32
C ASP A 718 -31.53 -16.98 -1.83
N HIS A 719 -30.95 -18.06 -2.34
CA HIS A 719 -31.00 -18.42 -3.76
C HIS A 719 -30.45 -17.30 -4.64
N ARG A 720 -29.30 -16.74 -4.24
CA ARG A 720 -28.75 -15.60 -4.97
C ARG A 720 -28.32 -16.00 -6.38
N LEU A 721 -27.68 -17.16 -6.53
CA LEU A 721 -27.24 -17.58 -7.86
C LEU A 721 -28.44 -17.89 -8.75
N HIS A 722 -29.51 -18.44 -8.19
CA HIS A 722 -30.71 -18.73 -8.98
C HIS A 722 -31.38 -17.45 -9.46
N ASN A 723 -31.47 -16.45 -8.58
CA ASN A 723 -32.11 -15.19 -8.97
C ASN A 723 -31.29 -14.44 -10.00
N THR A 724 -29.99 -14.25 -9.73
CA THR A 724 -29.14 -13.50 -10.65
C THR A 724 -29.03 -14.18 -12.01
N LEU A 725 -29.07 -15.51 -12.04
CA LEU A 725 -29.10 -16.22 -13.32
C LEU A 725 -30.39 -15.93 -14.06
N LYS A 726 -31.53 -16.01 -13.37
CA LYS A 726 -32.82 -15.74 -14.01
C LYS A 726 -32.89 -14.30 -14.50
N ARG A 727 -32.40 -13.35 -13.70
CA ARG A 727 -32.39 -11.96 -14.14
C ARG A 727 -31.47 -11.75 -15.32
N TRP A 728 -30.32 -12.43 -15.33
CA TRP A 728 -29.37 -12.29 -16.44
C TRP A 728 -29.97 -12.80 -17.74
N PHE A 729 -30.65 -13.95 -17.69
CA PHE A 729 -31.26 -14.51 -18.89
C PHE A 729 -32.37 -13.62 -19.42
N SER A 730 -33.09 -12.93 -18.53
CA SER A 730 -34.14 -12.01 -18.98
C SER A 730 -33.56 -10.76 -19.60
N ASP A 731 -32.41 -10.29 -19.11
CA ASP A 731 -31.83 -9.02 -19.52
C ASP A 731 -30.86 -9.17 -20.69
N GLY A 733 -29.31 -8.93 -24.29
CA GLY A 733 -29.47 -7.68 -25.02
C GLY A 733 -29.83 -6.61 -24.02
N ASN A 734 -30.86 -5.82 -24.35
CA ASN A 734 -31.49 -4.89 -23.41
C ASN A 734 -30.46 -4.07 -22.65
N TRP A 735 -29.56 -3.44 -23.40
CA TRP A 735 -28.47 -2.67 -22.80
C TRP A 735 -28.97 -1.33 -22.27
N SER A 736 -30.25 -1.26 -21.90
CA SER A 736 -30.85 -0.03 -21.42
C SER A 736 -30.56 0.19 -19.94
N LEU A 737 -29.43 -0.32 -19.46
CA LEU A 737 -28.97 -0.15 -18.08
C LEU A 737 -27.52 0.34 -18.13
N ILE A 738 -27.35 1.67 -18.16
CA ILE A 738 -26.02 2.26 -18.23
C ILE A 738 -25.70 2.95 -16.90
#